data_6LQD
#
_entry.id   6LQD
#
_cell.length_a   1.00
_cell.length_b   1.00
_cell.length_c   1.00
_cell.angle_alpha   90.00
_cell.angle_beta   90.00
_cell.angle_gamma   90.00
#
_symmetry.space_group_name_H-M   'P 1'
#
loop_
_entity.id
_entity.type
_entity.pdbx_description
1 polymer 'Capsid protein VP1'
2 polymer 'Capsid protein VP2'
3 polymer 'Capsid protein VP3'
4 polymer 'Capsid protein VP4'
5 non-polymer 1-(2-azanylpyridin-4-yl)-3-[5-[4-(5-methyl-1,2,4-oxadiazol-3-yl)phenoxy]pentyl]imidazolidin-2-one
#
loop_
_entity_poly.entity_id
_entity_poly.type
_entity_poly.pdbx_seq_one_letter_code
_entity_poly.pdbx_strand_id
1 'polypeptide(L)'
;GDRVADVIESSIGDSVSRALTHALPAPTGQNTQVSSHRLDTGKVPALQAAEIGASSNASDESMIETRCVLNSHSTAETTL
DSFFSRAGLVGEIDLPLKGTTNPNGYANWDIDITGYAQMRRKVELFTYMRFDAEFTFVACTPTGEVVPQLLQYMFVPPGA
PKPDSRESLAWQTATNPSVFVKLSDPPAQVSVPFMSPASAYQWFYDGYPTFGEHKQEKDLEYGAMPNNMMGTFSVRTVGT
SKSKYPLVVRIYMRMKHVRAWIPRPMRNQNYLFKANPNYAGNSIKPTGASRTAITTL
;
A
2 'polypeptide(L)'
;SPSAEACGYSDRVAQLTIGNSTITTQEAANIIVGYGEWPSYCSDSDATAVDKPTRPDVSVNRFYTLDTKLWEKSSKGWYW
KFPDVLTETGVFGQNAQFHYLYRSGFCIHVQCNASKFHQGALLVAVLPEYVIGTVAGGTGTEDTHPPYKQTQPGADGFEL
QHPYVLDAGIPISQLTVCPHQWINLRTNNCATIIVPYINALPFDSALNHCNFGLLVVPISPLDYDQGATPVIPITITLAP
MCSEFAGLRQAVTQ
;
B
3 'polypeptide(L)'
;GFPTELKPGTNQFLTTDDGVSAPILPNFHPTPCIHIPGEVRNLLELCQVETILEVNNVPTNATSLMERLRFPVSAQAGKG
ELCAVFRADPGRNGPWQSTLLGQLCGYYTQWSGSLEVTFMFTGSFMATGKMLIAYTPPGGPLPKDRATAMLGTHVIWDFG
LQSSVTLVIPWISNTHYRAHARDGVFDYYTTGLVSIWYQTNYVVPIGAPNTAYIIALAAAQKNFTMKLCKDASDILQTGT
IQ
;
C
4 'polypeptide(L)' MGSQVSTQRSGSHENSNSATEGSTINYTTINYYKDSYAATAGKQSLKQDPDKFANPVKDIFTEMAAPLK D
#
loop_
_chem_comp.id
_chem_comp.type
_chem_comp.name
_chem_comp.formula
EQ9 non-polymer 1-(2-azanylpyridin-4-yl)-3-[5-[4-(5-methyl-1,2,4-oxadiazol-3-yl)phenoxy]pentyl]imidazolidin-2-one 'C22 H26 N6 O3'
#
# COMPACT_ATOMS: atom_id res chain seq x y z
N GLY A 1 15.59 24.99 -38.40
CA GLY A 1 14.53 25.98 -38.06
C GLY A 1 13.17 25.35 -37.92
N ASP A 2 12.47 25.69 -36.84
CA ASP A 2 11.13 25.17 -36.55
C ASP A 2 10.09 26.08 -37.20
N ARG A 3 9.90 25.89 -38.51
CA ARG A 3 9.03 26.77 -39.29
C ARG A 3 7.61 26.23 -39.42
N VAL A 4 7.40 24.94 -39.22
CA VAL A 4 6.05 24.38 -39.23
C VAL A 4 5.33 24.84 -37.95
N ALA A 5 4.02 24.61 -37.90
CA ALA A 5 3.20 25.02 -36.77
C ALA A 5 2.95 23.90 -35.77
N ASP A 6 2.84 22.67 -36.25
CA ASP A 6 2.63 21.55 -35.35
C ASP A 6 3.84 21.28 -34.46
N VAL A 7 4.99 21.88 -34.77
CA VAL A 7 6.16 21.81 -33.91
C VAL A 7 6.17 22.93 -32.88
N ILE A 8 5.59 24.08 -33.21
CA ILE A 8 5.55 25.20 -32.29
C ILE A 8 4.55 24.94 -31.18
N GLU A 9 3.36 24.49 -31.55
CA GLU A 9 2.30 24.18 -30.59
C GLU A 9 2.48 22.83 -29.92
N SER A 10 3.61 22.14 -30.15
CA SER A 10 3.77 20.79 -29.65
C SER A 10 3.93 20.79 -28.13
N SER A 11 3.42 19.72 -27.51
CA SER A 11 3.59 19.49 -26.09
C SER A 11 4.86 18.72 -25.75
N ILE A 12 5.65 18.35 -26.76
CA ILE A 12 6.88 17.60 -26.50
C ILE A 12 7.87 18.47 -25.74
N GLY A 13 8.63 17.84 -24.85
CA GLY A 13 9.63 18.55 -24.09
C GLY A 13 9.04 19.27 -22.91
N ASP A 14 8.37 18.51 -22.05
CA ASP A 14 7.69 19.02 -20.87
C ASP A 14 8.25 18.30 -19.66
N SER A 15 9.22 18.91 -19.01
CA SER A 15 9.84 18.36 -17.81
C SER A 15 9.11 18.72 -16.54
N VAL A 16 7.86 19.17 -16.63
CA VAL A 16 7.09 19.64 -15.49
C VAL A 16 6.03 18.62 -15.16
N SER A 17 5.78 18.42 -13.86
CA SER A 17 4.80 17.47 -13.37
C SER A 17 3.54 18.26 -13.01
N ARG A 18 2.54 18.22 -13.88
CA ARG A 18 1.27 18.87 -13.57
C ARG A 18 0.67 18.19 -12.35
N ALA A 19 0.61 18.92 -11.23
CA ALA A 19 0.06 18.41 -9.99
C ALA A 19 -1.26 19.11 -9.70
N LEU A 20 -2.32 18.31 -9.59
CA LEU A 20 -3.63 18.86 -9.26
C LEU A 20 -3.68 19.32 -7.82
N THR A 21 -2.99 18.61 -6.93
CA THR A 21 -3.06 18.83 -5.50
C THR A 21 -1.87 19.66 -5.03
N HIS A 22 -1.83 19.94 -3.73
CA HIS A 22 -0.74 20.69 -3.13
C HIS A 22 -0.80 20.53 -1.61
N ALA A 23 0.35 20.27 -1.00
CA ALA A 23 0.37 19.92 0.41
C ALA A 23 0.05 21.14 1.28
N LEU A 24 -0.44 20.85 2.47
CA LEU A 24 -0.85 21.86 3.43
C LEU A 24 -0.42 21.44 4.81
N PRO A 25 -0.31 22.37 5.76
CA PRO A 25 0.06 22.00 7.12
C PRO A 25 -1.13 21.50 7.93
N ALA A 26 -0.80 20.75 8.96
CA ALA A 26 -1.81 20.16 9.82
C ALA A 26 -1.13 19.71 11.12
N PRO A 27 -0.64 20.64 11.93
CA PRO A 27 -0.05 20.26 13.21
C PRO A 27 -1.05 19.74 14.22
N THR A 28 -2.34 19.94 13.98
CA THR A 28 -3.39 19.46 14.86
C THR A 28 -4.54 18.96 14.01
N GLY A 29 -5.37 18.13 14.62
CA GLY A 29 -6.62 17.75 14.01
C GLY A 29 -7.53 18.94 13.78
N GLN A 30 -8.53 18.72 12.95
CA GLN A 30 -9.40 19.79 12.51
C GLN A 30 -10.38 20.19 13.60
N ASN A 31 -10.63 21.49 13.71
CA ASN A 31 -11.54 22.01 14.73
C ASN A 31 -12.96 21.93 14.22
N THR A 32 -13.79 21.15 14.90
CA THR A 32 -15.19 21.04 14.54
C THR A 32 -15.91 22.35 14.77
N GLN A 33 -16.56 22.85 13.73
CA GLN A 33 -17.31 24.09 13.78
C GLN A 33 -18.76 23.81 14.17
N VAL A 34 -19.52 24.88 14.34
CA VAL A 34 -20.91 24.79 14.78
C VAL A 34 -21.80 24.63 13.56
N SER A 35 -22.94 23.98 13.75
CA SER A 35 -23.94 23.83 12.71
C SER A 35 -25.33 23.87 13.32
N SER A 36 -26.31 24.00 12.45
CA SER A 36 -27.71 24.02 12.82
C SER A 36 -28.48 23.23 11.77
N HIS A 37 -29.80 23.19 11.91
CA HIS A 37 -30.61 22.36 11.04
C HIS A 37 -30.87 23.05 9.71
N ARG A 38 -30.98 22.22 8.66
CA ARG A 38 -31.22 22.68 7.31
C ARG A 38 -32.24 21.76 6.68
N LEU A 39 -33.16 22.35 5.93
CA LEU A 39 -34.32 21.66 5.37
C LEU A 39 -34.49 22.05 3.91
N ASP A 40 -33.41 21.98 3.15
CA ASP A 40 -33.33 22.46 1.78
C ASP A 40 -33.24 21.30 0.80
N THR A 41 -33.61 21.60 -0.45
CA THR A 41 -33.42 20.69 -1.57
C THR A 41 -32.07 20.94 -2.24
N GLY A 42 -31.75 20.09 -3.21
CA GLY A 42 -30.51 20.23 -3.94
C GLY A 42 -29.29 19.87 -3.12
N LYS A 43 -29.03 20.67 -2.09
CA LYS A 43 -27.94 20.40 -1.17
C LYS A 43 -28.17 19.05 -0.49
N VAL A 44 -27.20 18.13 -0.65
CA VAL A 44 -27.39 16.76 -0.21
C VAL A 44 -26.03 16.05 -0.09
N PRO A 45 -25.26 16.33 0.97
CA PRO A 45 -23.92 15.72 1.08
C PRO A 45 -23.91 14.23 1.30
N ALA A 46 -24.99 13.64 1.84
CA ALA A 46 -24.96 12.23 2.16
C ALA A 46 -24.85 11.37 0.90
N LEU A 47 -25.55 11.75 -0.15
CA LEU A 47 -25.61 10.93 -1.36
C LEU A 47 -24.31 11.13 -2.12
N GLN A 48 -23.48 10.08 -2.13
CA GLN A 48 -22.24 10.04 -2.87
C GLN A 48 -22.38 9.04 -4.02
N ALA A 49 -21.36 9.03 -4.87
CA ALA A 49 -21.17 7.97 -5.85
C ALA A 49 -19.74 7.47 -5.71
N ALA A 50 -19.59 6.23 -5.29
CA ALA A 50 -18.28 5.64 -5.05
C ALA A 50 -17.70 4.95 -6.26
N GLU A 51 -18.46 4.86 -7.37
CA GLU A 51 -17.91 4.28 -8.58
C GLU A 51 -16.72 5.08 -9.09
N ILE A 52 -16.71 6.38 -8.82
CA ILE A 52 -15.62 7.25 -9.24
C ILE A 52 -14.30 6.81 -8.62
N GLY A 53 -14.36 6.16 -7.47
CA GLY A 53 -13.14 5.76 -6.79
C GLY A 53 -12.50 6.84 -5.98
N ALA A 54 -13.30 7.74 -5.42
CA ALA A 54 -12.84 8.76 -4.49
C ALA A 54 -13.60 8.61 -3.20
N SER A 55 -12.98 9.03 -2.11
CA SER A 55 -13.57 8.87 -0.81
C SER A 55 -14.64 9.92 -0.58
N SER A 56 -15.39 9.73 0.50
CA SER A 56 -16.47 10.62 0.83
C SER A 56 -15.95 11.97 1.30
N ASN A 57 -16.86 12.92 1.38
CA ASN A 57 -16.57 14.26 1.86
C ASN A 57 -17.59 14.77 2.88
N ALA A 58 -18.59 13.97 3.24
CA ALA A 58 -19.53 14.37 4.27
C ALA A 58 -18.81 14.46 5.61
N SER A 59 -19.31 15.34 6.46
CA SER A 59 -18.69 15.66 7.73
C SER A 59 -19.76 15.75 8.81
N ASP A 60 -19.29 15.89 10.05
CA ASP A 60 -20.21 15.94 11.18
C ASP A 60 -21.13 17.14 11.10
N GLU A 61 -20.65 18.24 10.51
CA GLU A 61 -21.41 19.48 10.50
C GLU A 61 -22.62 19.38 9.58
N SER A 62 -22.48 18.66 8.47
CA SER A 62 -23.45 18.65 7.39
C SER A 62 -24.38 17.45 7.42
N MET A 63 -24.40 16.71 8.53
CA MET A 63 -25.24 15.52 8.69
C MET A 63 -26.06 15.61 9.96
N ILE A 64 -25.51 16.23 11.00
CA ILE A 64 -26.17 16.38 12.28
C ILE A 64 -25.85 17.77 12.83
N GLU A 65 -26.30 18.03 14.06
CA GLU A 65 -25.99 19.27 14.77
C GLU A 65 -24.81 19.05 15.69
N THR A 66 -23.77 19.86 15.52
CA THR A 66 -22.55 19.80 16.30
C THR A 66 -22.39 21.06 17.14
N ARG A 67 -21.29 21.10 17.88
CA ARG A 67 -20.87 22.25 18.66
C ARG A 67 -19.48 22.68 18.18
N CYS A 68 -18.99 23.77 18.74
CA CYS A 68 -17.61 24.18 18.48
C CYS A 68 -16.66 23.40 19.37
N VAL A 69 -15.57 22.93 18.80
CA VAL A 69 -14.57 22.14 19.50
C VAL A 69 -13.20 22.54 18.97
N LEU A 70 -12.32 23.00 19.86
CA LEU A 70 -11.01 23.51 19.48
C LEU A 70 -10.00 22.38 19.71
N ASN A 71 -9.73 21.62 18.65
CA ASN A 71 -8.94 20.42 18.78
C ASN A 71 -7.46 20.76 18.80
N SER A 72 -6.77 20.28 19.82
CA SER A 72 -5.34 20.48 19.99
C SER A 72 -4.56 19.17 19.92
N HIS A 73 -5.17 18.13 19.38
CA HIS A 73 -4.55 16.82 19.34
C HIS A 73 -3.52 16.81 18.22
N SER A 74 -2.25 16.58 18.57
CA SER A 74 -1.17 16.64 17.61
C SER A 74 -1.24 15.47 16.62
N THR A 75 -0.58 15.65 15.48
CA THR A 75 -0.41 14.62 14.46
C THR A 75 1.07 14.30 14.24
N ALA A 76 1.89 14.47 15.27
CA ALA A 76 3.33 14.33 15.13
C ALA A 76 3.83 12.91 15.28
N GLU A 77 3.08 12.04 15.95
CA GLU A 77 3.54 10.68 16.21
C GLU A 77 3.13 9.71 15.11
N THR A 78 2.34 10.14 14.14
CA THR A 78 2.01 9.34 12.97
C THR A 78 2.97 9.56 11.81
N THR A 79 3.99 10.38 11.97
CA THR A 79 4.94 10.57 10.90
C THR A 79 5.75 9.30 10.70
N LEU A 80 6.69 9.34 9.76
CA LEU A 80 7.45 8.16 9.40
C LEU A 80 8.67 7.98 10.29
N ASP A 81 9.41 9.05 10.57
CA ASP A 81 10.49 8.96 11.55
C ASP A 81 9.96 8.52 12.91
N SER A 82 8.84 9.11 13.36
CA SER A 82 8.26 8.70 14.62
C SER A 82 7.57 7.36 14.56
N PHE A 83 7.49 6.73 13.38
CA PHE A 83 6.91 5.41 13.20
C PHE A 83 7.93 4.33 12.87
N PHE A 84 9.04 4.70 12.22
CA PHE A 84 10.06 3.76 11.81
C PHE A 84 11.33 3.80 12.65
N SER A 85 11.65 4.95 13.26
CA SER A 85 12.90 5.09 14.00
C SER A 85 12.75 4.43 15.37
N ARG A 86 12.63 3.11 15.33
CA ARG A 86 12.47 2.29 16.51
C ARG A 86 13.15 0.96 16.20
N ALA A 87 14.21 0.64 16.93
CA ALA A 87 15.06 -0.47 16.55
C ALA A 87 14.31 -1.79 16.58
N GLY A 88 14.76 -2.72 15.74
CA GLY A 88 14.23 -4.06 15.74
C GLY A 88 15.22 -5.05 15.16
N LEU A 89 14.96 -6.32 15.46
CA LEU A 89 15.87 -7.39 15.09
C LEU A 89 15.79 -7.66 13.59
N VAL A 90 16.96 -7.84 12.98
CA VAL A 90 17.05 -8.07 11.53
C VAL A 90 17.94 -9.26 11.20
N GLY A 91 18.69 -9.77 12.17
CA GLY A 91 19.61 -10.85 11.86
C GLY A 91 20.15 -11.52 13.09
N GLU A 92 20.73 -12.70 12.86
CA GLU A 92 21.43 -13.45 13.89
C GLU A 92 22.60 -14.18 13.25
N ILE A 93 23.70 -14.25 14.00
CA ILE A 93 24.94 -14.86 13.56
C ILE A 93 25.44 -15.71 14.71
N ASP A 94 25.63 -17.00 14.47
CA ASP A 94 26.10 -17.93 15.48
C ASP A 94 27.53 -18.32 15.21
N LEU A 95 28.32 -18.39 16.28
CA LEU A 95 29.72 -18.81 16.23
C LEU A 95 29.97 -19.83 17.32
N PRO A 96 29.39 -21.02 17.19
CA PRO A 96 29.51 -22.02 18.24
C PRO A 96 30.87 -22.71 18.23
N LEU A 97 31.07 -23.55 19.25
CA LEU A 97 32.31 -24.29 19.39
C LEU A 97 32.38 -25.43 18.38
N LYS A 98 31.46 -26.38 18.50
CA LYS A 98 31.39 -27.54 17.61
C LYS A 98 29.95 -27.75 17.22
N GLY A 99 29.68 -27.66 15.92
CA GLY A 99 28.35 -27.88 15.40
C GLY A 99 28.40 -28.23 13.93
N THR A 100 27.52 -27.60 13.14
CA THR A 100 27.49 -27.77 11.70
C THR A 100 27.35 -26.47 10.93
N THR A 101 26.90 -25.39 11.57
CA THR A 101 26.71 -24.12 10.87
C THR A 101 28.03 -23.41 10.62
N ASN A 102 28.71 -23.02 11.71
CA ASN A 102 29.89 -22.16 11.64
C ASN A 102 30.84 -22.54 12.76
N PRO A 103 31.44 -23.73 12.69
CA PRO A 103 32.29 -24.18 13.80
C PRO A 103 33.70 -23.61 13.77
N ASN A 104 34.17 -23.12 12.62
CA ASN A 104 35.55 -22.71 12.44
C ASN A 104 35.80 -21.26 12.85
N GLY A 105 34.91 -20.67 13.63
CA GLY A 105 35.17 -19.36 14.20
C GLY A 105 34.94 -18.18 13.29
N TYR A 106 34.22 -18.35 12.19
CA TYR A 106 33.87 -17.26 11.31
C TYR A 106 32.47 -17.48 10.79
N ALA A 107 31.90 -16.41 10.23
CA ALA A 107 30.54 -16.49 9.69
C ALA A 107 30.31 -15.31 8.76
N ASN A 108 29.61 -15.58 7.67
CA ASN A 108 29.20 -14.57 6.70
C ASN A 108 27.68 -14.47 6.73
N TRP A 109 27.18 -13.25 6.81
CA TRP A 109 25.75 -12.97 6.80
C TRP A 109 25.41 -12.02 5.66
N ASP A 110 24.45 -12.43 4.83
CA ASP A 110 24.03 -11.66 3.67
C ASP A 110 23.03 -10.61 4.14
N ILE A 111 23.40 -9.34 3.93
CA ILE A 111 22.63 -8.23 4.48
C ILE A 111 21.24 -8.20 3.87
N ASP A 112 20.24 -8.49 4.70
CA ASP A 112 18.85 -8.65 4.26
C ASP A 112 17.96 -8.51 5.48
N ILE A 113 17.15 -7.46 5.50
CA ILE A 113 16.25 -7.16 6.60
C ILE A 113 15.06 -8.13 6.61
N THR A 114 14.78 -8.77 5.47
CA THR A 114 13.58 -9.58 5.33
C THR A 114 13.70 -10.97 5.93
N GLY A 115 13.85 -11.06 7.24
CA GLY A 115 13.91 -12.34 7.92
C GLY A 115 13.11 -12.40 9.21
N TYR A 116 12.57 -11.27 9.65
CA TYR A 116 11.73 -11.16 10.82
C TYR A 116 10.57 -10.24 10.48
N ALA A 117 9.36 -10.65 10.83
CA ALA A 117 8.16 -10.10 10.24
C ALA A 117 7.57 -8.91 10.99
N GLN A 118 8.04 -8.60 12.19
CA GLN A 118 7.60 -7.34 12.79
C GLN A 118 8.11 -6.15 11.99
N MET A 119 9.37 -6.19 11.56
CA MET A 119 9.97 -5.11 10.79
C MET A 119 9.71 -5.23 9.30
N ARG A 120 9.48 -6.44 8.79
CA ARG A 120 9.22 -6.60 7.38
C ARG A 120 7.83 -6.10 7.01
N ARG A 121 6.86 -6.32 7.89
CA ARG A 121 5.49 -5.93 7.62
C ARG A 121 5.26 -4.43 7.77
N LYS A 122 6.16 -3.73 8.44
CA LYS A 122 6.08 -2.28 8.49
C LYS A 122 6.57 -1.65 7.19
N VAL A 123 7.68 -2.15 6.66
CA VAL A 123 8.22 -1.63 5.42
C VAL A 123 7.42 -2.07 4.21
N GLU A 124 6.90 -3.30 4.20
CA GLU A 124 6.07 -3.80 3.10
C GLU A 124 4.72 -3.11 3.00
N LEU A 125 4.43 -2.12 3.83
CA LEU A 125 3.33 -1.21 3.54
C LEU A 125 3.67 -0.29 2.39
N PHE A 126 4.95 0.05 2.24
CA PHE A 126 5.44 0.88 1.17
C PHE A 126 6.25 0.05 0.20
N THR A 127 6.57 0.65 -0.95
CA THR A 127 7.28 -0.02 -2.03
C THR A 127 8.68 0.51 -2.22
N TYR A 128 8.83 1.83 -2.27
CA TYR A 128 10.11 2.48 -2.46
C TYR A 128 10.44 3.26 -1.20
N MET A 129 11.66 3.08 -0.70
CA MET A 129 12.08 3.74 0.53
C MET A 129 13.52 4.20 0.42
N ARG A 130 13.79 5.36 1.01
CA ARG A 130 15.09 6.03 0.94
C ARG A 130 15.44 6.41 2.37
N PHE A 131 16.40 5.71 2.97
CA PHE A 131 16.67 5.90 4.38
C PHE A 131 18.13 5.63 4.72
N ASP A 132 18.65 6.43 5.65
CA ASP A 132 19.85 6.12 6.38
C ASP A 132 19.53 5.09 7.46
N ALA A 133 20.55 4.66 8.19
CA ALA A 133 20.33 3.62 9.19
C ALA A 133 21.36 3.66 10.31
N GLU A 134 21.11 2.86 11.34
CA GLU A 134 21.95 2.82 12.53
C GLU A 134 21.93 1.43 13.13
N PHE A 135 22.88 0.58 12.75
CA PHE A 135 22.91 -0.78 13.25
C PHE A 135 23.49 -0.83 14.65
N THR A 136 23.20 -1.92 15.36
CA THR A 136 23.62 -2.10 16.74
C THR A 136 23.78 -3.60 16.98
N PHE A 137 24.87 -3.97 17.65
CA PHE A 137 25.31 -5.35 17.76
C PHE A 137 25.37 -5.76 19.22
N VAL A 138 24.71 -6.88 19.54
CA VAL A 138 24.60 -7.37 20.91
C VAL A 138 25.16 -8.78 20.92
N ALA A 139 26.28 -8.96 21.60
CA ALA A 139 26.97 -10.25 21.65
C ALA A 139 26.79 -10.88 23.02
N CYS A 140 26.68 -12.20 23.04
CA CYS A 140 26.36 -12.94 24.26
C CYS A 140 26.44 -14.43 23.97
N THR A 141 26.79 -15.19 25.00
CA THR A 141 26.69 -16.63 24.94
C THR A 141 25.21 -17.02 24.98
N PRO A 142 24.90 -18.30 24.80
CA PRO A 142 23.50 -18.71 24.84
C PRO A 142 22.82 -18.49 26.19
N THR A 143 23.56 -18.57 27.29
CA THR A 143 23.02 -18.32 28.61
C THR A 143 22.83 -16.85 28.92
N GLY A 144 23.22 -15.94 28.03
CA GLY A 144 23.27 -14.54 28.33
C GLY A 144 24.55 -14.10 29.01
N GLU A 145 25.42 -15.03 29.37
CA GLU A 145 26.62 -14.69 30.11
C GLU A 145 27.55 -13.83 29.26
N VAL A 146 28.34 -13.02 29.94
CA VAL A 146 29.28 -12.09 29.33
C VAL A 146 30.69 -12.58 29.61
N VAL A 147 31.52 -12.61 28.56
CA VAL A 147 32.82 -13.28 28.60
C VAL A 147 33.91 -12.36 28.06
N PRO A 148 35.16 -12.49 28.53
CA PRO A 148 36.23 -11.64 28.00
C PRO A 148 36.80 -12.14 26.69
N GLN A 149 36.21 -11.72 25.58
CA GLN A 149 36.58 -12.18 24.26
C GLN A 149 36.65 -10.99 23.32
N LEU A 150 37.59 -11.05 22.39
CA LEU A 150 37.77 -10.02 21.38
C LEU A 150 37.09 -10.46 20.08
N LEU A 151 36.53 -9.51 19.35
CA LEU A 151 35.77 -9.79 18.15
C LEU A 151 36.09 -8.76 17.08
N GLN A 152 35.95 -9.19 15.84
CA GLN A 152 36.16 -8.34 14.67
C GLN A 152 34.97 -8.45 13.74
N TYR A 153 34.58 -7.32 13.18
CA TYR A 153 33.53 -7.20 12.20
C TYR A 153 34.13 -6.57 10.97
N MET A 154 33.57 -6.86 9.80
CA MET A 154 34.09 -6.29 8.57
C MET A 154 33.00 -6.24 7.53
N PHE A 155 32.68 -5.03 7.08
CA PHE A 155 31.73 -4.82 6.01
C PHE A 155 32.40 -5.19 4.71
N VAL A 156 31.86 -6.21 4.05
CA VAL A 156 32.35 -6.68 2.76
C VAL A 156 31.38 -6.17 1.69
N PRO A 157 31.73 -5.13 0.93
CA PRO A 157 30.83 -4.65 -0.10
C PRO A 157 30.76 -5.65 -1.25
N PRO A 158 29.94 -5.38 -2.26
CA PRO A 158 29.92 -6.25 -3.44
C PRO A 158 31.24 -6.16 -4.21
N GLY A 159 31.62 -7.28 -4.81
CA GLY A 159 32.82 -7.34 -5.62
C GLY A 159 34.10 -7.50 -4.86
N ALA A 160 34.05 -7.68 -3.56
CA ALA A 160 35.20 -7.79 -2.68
C ALA A 160 35.39 -9.24 -2.26
N PRO A 161 36.60 -9.61 -1.81
CA PRO A 161 36.85 -11.03 -1.49
C PRO A 161 36.18 -11.41 -0.19
N LYS A 162 35.28 -12.36 -0.26
CA LYS A 162 34.68 -12.89 0.96
C LYS A 162 35.71 -13.76 1.67
N PRO A 163 35.91 -13.60 2.97
CA PRO A 163 36.83 -14.52 3.67
C PRO A 163 36.29 -15.93 3.73
N ASP A 164 37.21 -16.88 3.58
CA ASP A 164 36.93 -18.30 3.62
C ASP A 164 37.45 -18.98 4.88
N SER A 165 38.02 -18.24 5.81
CA SER A 165 38.59 -18.84 7.01
C SER A 165 38.88 -17.76 8.03
N ARG A 166 39.31 -18.21 9.21
CA ARG A 166 39.61 -17.34 10.33
C ARG A 166 40.99 -16.71 10.22
N GLU A 167 41.93 -17.37 9.57
CA GLU A 167 43.31 -16.89 9.42
C GLU A 167 43.55 -16.37 8.02
N SER A 168 42.57 -15.71 7.43
CA SER A 168 42.65 -15.30 6.04
C SER A 168 43.28 -13.92 5.92
N LEU A 169 43.56 -13.55 4.67
CA LEU A 169 44.18 -12.28 4.35
C LEU A 169 43.17 -11.18 4.08
N ALA A 170 41.89 -11.52 3.97
CA ALA A 170 40.87 -10.50 3.77
C ALA A 170 40.60 -9.69 5.03
N TRP A 171 41.17 -10.07 6.16
CA TRP A 171 40.94 -9.41 7.43
C TRP A 171 41.90 -8.26 7.71
N GLN A 172 42.84 -7.98 6.82
CA GLN A 172 43.71 -6.83 6.98
C GLN A 172 42.94 -5.53 6.93
N THR A 173 41.78 -5.53 6.27
CA THR A 173 40.81 -4.43 6.22
C THR A 173 41.46 -3.06 5.97
N ALA A 174 42.34 -3.02 4.98
CA ALA A 174 42.98 -1.76 4.63
C ALA A 174 42.00 -0.75 4.07
N THR A 175 41.07 -1.19 3.22
CA THR A 175 40.18 -0.30 2.51
C THR A 175 38.74 -0.51 2.97
N ASN A 176 38.37 -1.74 3.28
CA ASN A 176 37.09 -2.00 3.90
C ASN A 176 37.06 -1.41 5.31
N PRO A 177 35.88 -1.05 5.82
CA PRO A 177 35.78 -0.72 7.24
C PRO A 177 35.81 -1.97 8.11
N SER A 178 35.86 -1.75 9.43
CA SER A 178 35.89 -2.82 10.40
C SER A 178 35.62 -2.25 11.77
N VAL A 179 35.23 -3.13 12.70
CA VAL A 179 34.96 -2.75 14.08
C VAL A 179 35.54 -3.84 14.98
N PHE A 180 36.65 -3.53 15.65
CA PHE A 180 37.07 -4.33 16.78
C PHE A 180 36.21 -3.98 17.98
N VAL A 181 35.83 -4.99 18.75
CA VAL A 181 35.08 -4.73 19.97
C VAL A 181 35.12 -5.95 20.87
N LYS A 182 34.99 -5.72 22.17
CA LYS A 182 34.92 -6.76 23.18
C LYS A 182 33.48 -6.91 23.64
N LEU A 183 33.25 -7.98 24.39
CA LEU A 183 31.95 -8.24 24.98
C LEU A 183 31.78 -7.57 26.33
N SER A 184 32.88 -7.39 27.06
CA SER A 184 32.84 -6.63 28.30
C SER A 184 32.47 -5.17 28.05
N ASP A 185 32.66 -4.67 26.84
CA ASP A 185 32.27 -3.32 26.48
C ASP A 185 30.77 -3.27 26.17
N PRO A 186 30.21 -2.10 26.00
CA PRO A 186 28.81 -2.00 25.60
C PRO A 186 28.61 -2.50 24.18
N PRO A 187 27.37 -2.45 23.68
CA PRO A 187 27.14 -2.79 22.28
C PRO A 187 27.89 -1.87 21.33
N ALA A 188 28.31 -2.43 20.21
CA ALA A 188 28.82 -1.62 19.12
C ALA A 188 27.67 -0.97 18.37
N GLN A 189 27.98 0.12 17.70
CA GLN A 189 26.94 0.92 17.08
C GLN A 189 27.54 1.92 16.11
N VAL A 190 27.06 1.91 14.87
CA VAL A 190 27.59 2.72 13.79
C VAL A 190 26.45 3.19 12.92
N SER A 191 26.74 4.15 12.06
CA SER A 191 25.79 4.76 11.15
C SER A 191 26.05 4.33 9.72
N VAL A 192 25.02 4.47 8.89
CA VAL A 192 25.03 3.94 7.54
C VAL A 192 24.39 4.94 6.58
N PRO A 193 24.96 5.16 5.39
CA PRO A 193 24.30 6.00 4.40
C PRO A 193 23.35 5.23 3.49
N PHE A 194 22.76 5.95 2.55
CA PHE A 194 21.99 5.35 1.48
C PHE A 194 22.94 4.88 0.38
N MET A 195 23.11 3.58 0.25
CA MET A 195 24.21 2.99 -0.50
C MET A 195 23.82 2.45 -1.87
N SER A 196 22.62 2.73 -2.36
CA SER A 196 22.16 2.09 -3.58
C SER A 196 22.62 2.86 -4.83
N PRO A 197 22.65 2.21 -6.01
CA PRO A 197 22.83 2.95 -7.25
C PRO A 197 21.59 3.69 -7.67
N ALA A 198 20.44 3.10 -7.33
CA ALA A 198 19.15 3.66 -7.65
C ALA A 198 18.87 4.83 -6.72
N SER A 199 17.63 5.31 -6.75
CA SER A 199 17.19 6.42 -5.92
C SER A 199 16.26 5.98 -4.80
N ALA A 200 16.12 4.67 -4.61
CA ALA A 200 15.23 4.15 -3.58
C ALA A 200 15.36 2.64 -3.46
N TYR A 201 15.20 2.12 -2.24
CA TYR A 201 15.14 0.69 -2.02
C TYR A 201 13.72 0.21 -2.26
N GLN A 202 13.55 -0.58 -3.32
CA GLN A 202 12.24 -1.15 -3.61
C GLN A 202 12.17 -2.56 -3.03
N TRP A 203 11.22 -2.75 -2.12
CA TRP A 203 10.99 -4.04 -1.50
C TRP A 203 10.22 -4.99 -2.41
N PHE A 204 9.84 -4.55 -3.60
CA PHE A 204 9.04 -5.35 -4.54
C PHE A 204 9.49 -5.05 -5.95
N TYR A 205 10.09 -6.04 -6.61
CA TYR A 205 10.54 -5.93 -8.00
C TYR A 205 9.79 -6.96 -8.82
N ASP A 206 9.00 -6.49 -9.79
CA ASP A 206 8.23 -7.35 -10.67
C ASP A 206 8.98 -7.45 -11.98
N GLY A 207 9.84 -8.44 -12.08
CA GLY A 207 10.62 -8.64 -13.28
C GLY A 207 11.76 -9.58 -13.03
N TYR A 208 12.54 -9.81 -14.08
CA TYR A 208 13.75 -10.59 -14.05
C TYR A 208 14.94 -9.67 -14.21
N PRO A 209 16.10 -10.00 -13.65
CA PRO A 209 17.24 -9.10 -13.74
C PRO A 209 17.93 -9.13 -15.09
N THR A 210 17.99 -10.31 -15.70
CA THR A 210 18.76 -10.57 -16.89
C THR A 210 17.87 -10.84 -18.09
N PHE A 211 18.48 -10.76 -19.26
CA PHE A 211 17.87 -11.21 -20.50
C PHE A 211 18.14 -12.70 -20.70
N GLY A 212 17.25 -13.33 -21.45
CA GLY A 212 17.47 -14.69 -21.87
C GLY A 212 16.17 -15.45 -22.01
N GLU A 213 16.30 -16.67 -22.51
CA GLU A 213 15.19 -17.62 -22.57
C GLU A 213 14.93 -18.12 -21.16
N HIS A 214 13.93 -17.55 -20.49
CA HIS A 214 13.73 -17.85 -19.09
C HIS A 214 13.16 -19.25 -18.90
N LYS A 215 14.04 -20.22 -18.69
CA LYS A 215 13.64 -21.59 -18.45
C LYS A 215 13.23 -21.78 -17.00
N GLN A 216 12.73 -22.99 -16.70
CA GLN A 216 12.21 -23.26 -15.36
C GLN A 216 13.33 -23.38 -14.34
N GLU A 217 14.53 -23.78 -14.76
CA GLU A 217 15.65 -23.90 -13.84
C GLU A 217 16.27 -22.55 -13.49
N LYS A 218 15.86 -21.46 -14.14
CA LYS A 218 16.30 -20.11 -13.81
C LYS A 218 15.12 -19.20 -13.53
N ASP A 219 14.12 -19.73 -12.81
CA ASP A 219 13.03 -18.94 -12.26
C ASP A 219 13.28 -18.52 -10.82
N LEU A 220 14.39 -18.97 -10.22
CA LEU A 220 14.73 -18.52 -8.87
C LEU A 220 15.26 -17.10 -8.84
N GLU A 221 15.44 -16.45 -10.00
CA GLU A 221 15.85 -15.06 -10.08
C GLU A 221 14.70 -14.15 -10.43
N TYR A 222 13.47 -14.54 -10.09
CA TYR A 222 12.30 -13.66 -10.19
C TYR A 222 12.15 -12.89 -8.89
N GLY A 223 12.12 -11.56 -9.00
CA GLY A 223 12.07 -10.71 -7.84
C GLY A 223 13.41 -10.36 -7.26
N ALA A 224 14.46 -10.31 -8.09
CA ALA A 224 15.83 -10.06 -7.65
C ALA A 224 16.37 -8.87 -8.42
N MET A 225 16.49 -7.72 -7.74
CA MET A 225 17.17 -6.57 -8.30
C MET A 225 18.49 -6.40 -7.55
N PRO A 226 19.64 -6.38 -8.20
CA PRO A 226 20.90 -6.22 -7.45
C PRO A 226 21.13 -4.83 -6.89
N ASN A 227 20.21 -3.90 -7.06
CA ASN A 227 20.34 -2.57 -6.47
C ASN A 227 19.88 -2.53 -5.02
N ASN A 228 19.67 -3.70 -4.40
CA ASN A 228 19.36 -3.81 -3.00
C ASN A 228 20.33 -4.72 -2.24
N MET A 229 20.98 -5.66 -2.92
CA MET A 229 22.00 -6.46 -2.27
C MET A 229 23.19 -5.57 -1.96
N MET A 230 23.21 -5.00 -0.76
CA MET A 230 24.24 -4.05 -0.37
C MET A 230 25.48 -4.71 0.21
N GLY A 231 25.60 -6.04 0.11
CA GLY A 231 26.85 -6.73 0.36
C GLY A 231 26.72 -7.74 1.48
N THR A 232 27.78 -7.86 2.26
CA THR A 232 27.95 -8.93 3.21
C THR A 232 28.59 -8.39 4.48
N PHE A 233 28.31 -9.05 5.60
CA PHE A 233 28.77 -8.64 6.93
C PHE A 233 29.47 -9.83 7.57
N SER A 234 30.78 -9.74 7.74
CA SER A 234 31.60 -10.83 8.24
C SER A 234 31.95 -10.61 9.70
N VAL A 235 32.24 -11.69 10.42
CA VAL A 235 32.59 -11.61 11.83
C VAL A 235 33.41 -12.82 12.25
N ARG A 236 34.36 -12.64 13.17
CA ARG A 236 35.19 -13.73 13.65
C ARG A 236 35.80 -13.46 15.00
N THR A 237 36.26 -14.51 15.68
CA THR A 237 36.95 -14.38 16.95
C THR A 237 38.41 -14.23 16.59
N VAL A 238 39.04 -13.17 17.08
CA VAL A 238 40.40 -12.83 16.72
C VAL A 238 41.35 -13.82 17.37
N GLY A 239 42.29 -14.32 16.59
CA GLY A 239 43.29 -15.22 17.11
C GLY A 239 43.79 -16.15 16.02
N THR A 240 44.68 -17.04 16.45
CA THR A 240 45.19 -18.11 15.61
C THR A 240 44.62 -19.47 15.98
N SER A 241 44.09 -19.62 17.19
CA SER A 241 43.50 -20.84 17.69
C SER A 241 42.03 -20.63 17.97
N LYS A 242 41.32 -21.74 18.20
CA LYS A 242 39.89 -21.66 18.44
C LYS A 242 39.61 -21.09 19.82
N SER A 243 38.37 -20.66 20.01
CA SER A 243 37.98 -19.95 21.21
C SER A 243 37.50 -20.91 22.28
N LYS A 244 37.46 -20.39 23.51
CA LYS A 244 37.02 -21.15 24.67
C LYS A 244 35.52 -21.05 24.92
N TYR A 245 34.82 -20.21 24.17
CA TYR A 245 33.48 -19.75 24.53
C TYR A 245 32.59 -19.74 23.29
N PRO A 246 31.36 -20.25 23.36
CA PRO A 246 30.43 -20.01 22.26
C PRO A 246 29.95 -18.58 22.28
N LEU A 247 29.29 -18.19 21.19
CA LEU A 247 28.88 -16.81 21.02
C LEU A 247 27.64 -16.74 20.15
N VAL A 248 26.87 -15.67 20.33
CA VAL A 248 25.76 -15.35 19.45
C VAL A 248 25.76 -13.84 19.28
N VAL A 249 25.41 -13.39 18.09
CA VAL A 249 25.48 -11.98 17.71
C VAL A 249 24.15 -11.60 17.09
N ARG A 250 23.52 -10.57 17.64
CA ARG A 250 22.23 -10.09 17.20
C ARG A 250 22.35 -8.68 16.67
N ILE A 251 21.66 -8.41 15.57
CA ILE A 251 21.83 -7.18 14.80
C ILE A 251 20.51 -6.46 14.79
N TYR A 252 20.53 -5.18 15.16
CA TYR A 252 19.34 -4.35 15.23
C TYR A 252 19.50 -3.16 14.29
N MET A 253 18.44 -2.86 13.54
CA MET A 253 18.41 -1.76 12.59
C MET A 253 17.47 -0.67 13.09
N ARG A 254 17.91 0.57 12.96
CA ARG A 254 17.12 1.75 13.29
C ARG A 254 17.17 2.74 12.14
N MET A 255 16.03 3.01 11.53
CA MET A 255 15.97 3.84 10.35
C MET A 255 15.73 5.29 10.70
N LYS A 256 16.36 6.17 9.94
CA LYS A 256 16.28 7.61 10.15
C LYS A 256 16.47 8.32 8.83
N HIS A 257 15.96 9.55 8.77
CA HIS A 257 16.00 10.37 7.57
C HIS A 257 15.27 9.66 6.42
N VAL A 258 14.00 9.36 6.68
CA VAL A 258 13.22 8.43 5.87
C VAL A 258 12.39 9.21 4.86
N ARG A 259 12.21 8.61 3.68
CA ARG A 259 11.22 9.04 2.71
C ARG A 259 10.64 7.81 2.06
N ALA A 260 9.32 7.82 1.87
CA ALA A 260 8.58 6.67 1.41
C ALA A 260 7.65 7.06 0.27
N TRP A 261 7.22 6.03 -0.47
CA TRP A 261 6.38 6.20 -1.63
C TRP A 261 5.49 4.96 -1.79
N ILE A 262 4.40 5.14 -2.53
CA ILE A 262 3.57 4.03 -3.01
C ILE A 262 2.97 3.22 -1.86
N PRO A 263 1.94 3.70 -1.19
CA PRO A 263 1.19 2.82 -0.28
C PRO A 263 0.57 1.65 -1.01
N ARG A 264 0.53 0.51 -0.34
CA ARG A 264 -0.05 -0.70 -0.90
C ARG A 264 -0.47 -1.60 0.26
N PRO A 265 -1.25 -2.64 -0.01
CA PRO A 265 -1.82 -3.42 1.09
C PRO A 265 -0.82 -4.09 2.00
N MET A 266 -1.33 -4.77 3.01
CA MET A 266 -0.54 -5.32 4.10
C MET A 266 -0.73 -6.83 4.18
N ARG A 267 0.35 -7.52 4.53
CA ARG A 267 0.34 -8.97 4.62
C ARG A 267 -0.69 -9.42 5.64
N ASN A 268 -1.39 -10.51 5.30
CA ASN A 268 -2.28 -11.19 6.24
C ASN A 268 -1.99 -12.66 6.42
N GLN A 269 -1.19 -13.28 5.55
CA GLN A 269 -0.78 -14.67 5.67
C GLN A 269 0.65 -14.75 6.18
N ASN A 270 0.96 -15.86 6.86
CA ASN A 270 2.28 -16.04 7.42
C ASN A 270 3.35 -16.03 6.35
N TYR A 271 4.50 -15.45 6.67
CA TYR A 271 5.65 -15.49 5.78
C TYR A 271 6.31 -16.85 5.82
N LEU A 272 6.90 -17.23 4.69
CA LEU A 272 7.61 -18.49 4.54
C LEU A 272 9.06 -18.31 4.12
N PHE A 273 9.32 -17.55 3.07
CA PHE A 273 10.63 -17.48 2.45
C PHE A 273 11.06 -16.02 2.36
N LYS A 274 12.27 -15.81 1.84
CA LYS A 274 12.83 -14.49 1.63
C LYS A 274 12.82 -14.14 0.15
N ALA A 275 12.70 -12.84 -0.13
CA ALA A 275 12.64 -12.32 -1.49
C ALA A 275 11.52 -12.96 -2.30
N ASN A 276 10.46 -13.37 -1.62
CA ASN A 276 9.48 -14.25 -2.23
C ASN A 276 8.15 -14.11 -1.49
N PRO A 277 7.07 -13.62 -2.14
CA PRO A 277 5.83 -13.39 -1.39
C PRO A 277 4.95 -14.60 -1.15
N ASN A 278 5.50 -15.81 -1.29
CA ASN A 278 4.68 -17.01 -1.30
C ASN A 278 3.94 -17.21 0.01
N TYR A 279 2.81 -17.92 -0.09
CA TYR A 279 1.92 -18.18 1.01
C TYR A 279 1.51 -19.64 0.93
N ALA A 280 1.03 -20.16 2.05
CA ALA A 280 0.49 -21.51 2.08
C ALA A 280 -0.93 -21.48 1.53
N GLY A 281 -1.23 -22.41 0.63
CA GLY A 281 -2.49 -22.40 -0.09
C GLY A 281 -3.58 -23.20 0.57
N ASN A 282 -3.23 -24.34 1.16
CA ASN A 282 -4.17 -25.17 1.89
C ASN A 282 -4.49 -24.63 3.28
N SER A 283 -3.90 -23.51 3.66
CA SER A 283 -4.04 -22.94 5.00
C SER A 283 -4.26 -21.45 4.90
N ILE A 284 -5.18 -21.04 4.02
CA ILE A 284 -5.50 -19.64 3.86
C ILE A 284 -6.43 -19.22 4.99
N LYS A 285 -5.86 -18.67 6.03
CA LYS A 285 -6.68 -18.14 7.09
C LYS A 285 -7.25 -16.78 6.67
N PRO A 286 -8.44 -16.42 7.16
CA PRO A 286 -9.00 -15.12 6.77
C PRO A 286 -8.15 -13.96 7.24
N THR A 287 -8.53 -12.77 6.80
CA THR A 287 -7.82 -11.57 7.21
C THR A 287 -7.96 -11.33 8.70
N GLY A 288 -9.10 -11.72 9.27
CA GLY A 288 -9.35 -11.51 10.69
C GLY A 288 -10.23 -12.57 11.28
N ALA A 289 -11.16 -12.15 12.12
CA ALA A 289 -11.92 -13.06 12.96
C ALA A 289 -13.22 -13.45 12.26
N SER A 290 -14.13 -14.06 13.00
CA SER A 290 -15.35 -14.59 12.42
C SER A 290 -16.41 -14.72 13.51
N ARG A 291 -17.62 -15.02 13.09
CA ARG A 291 -18.75 -15.18 13.99
C ARG A 291 -19.79 -16.08 13.33
N THR A 292 -20.98 -16.13 13.92
CA THR A 292 -22.01 -17.09 13.54
C THR A 292 -23.15 -16.48 12.74
N ALA A 293 -23.45 -15.20 12.93
CA ALA A 293 -24.62 -14.59 12.34
C ALA A 293 -24.36 -13.11 12.09
N ILE A 294 -24.75 -12.66 10.90
CA ILE A 294 -24.65 -11.24 10.55
C ILE A 294 -25.61 -10.40 11.37
N THR A 295 -26.72 -10.99 11.81
CA THR A 295 -27.72 -10.29 12.60
C THR A 295 -27.44 -10.31 14.09
N THR A 296 -26.24 -10.69 14.51
CA THR A 296 -25.98 -10.90 15.91
C THR A 296 -24.48 -10.80 16.16
N LEU A 297 -24.13 -10.30 17.33
CA LEU A 297 -22.74 -10.11 17.70
C LEU A 297 -22.03 -11.45 17.92
N SER B 10 -22.64 16.10 -18.02
CA SER B 10 -21.33 16.80 -17.97
C SER B 10 -20.27 15.90 -17.38
N ASP B 11 -20.61 15.28 -16.25
CA ASP B 11 -19.75 14.29 -15.63
C ASP B 11 -19.99 12.89 -16.16
N ARG B 12 -21.12 12.65 -16.84
CA ARG B 12 -21.46 11.33 -17.36
C ARG B 12 -20.86 11.13 -18.75
N VAL B 13 -21.22 12.01 -19.69
CA VAL B 13 -20.68 11.94 -21.04
C VAL B 13 -19.21 12.30 -21.01
N ALA B 14 -18.41 11.58 -21.78
CA ALA B 14 -17.00 11.88 -21.89
C ALA B 14 -16.49 11.44 -23.25
N GLN B 15 -15.38 12.04 -23.64
CA GLN B 15 -14.71 11.73 -24.89
C GLN B 15 -13.21 11.79 -24.67
N LEU B 16 -12.49 10.97 -25.43
CA LEU B 16 -11.06 10.76 -25.23
C LEU B 16 -10.41 10.66 -26.60
N THR B 17 -9.76 11.74 -27.01
CA THR B 17 -9.14 11.84 -28.32
C THR B 17 -7.64 12.00 -28.15
N ILE B 18 -6.90 10.95 -28.47
CA ILE B 18 -5.45 10.99 -28.54
C ILE B 18 -5.01 10.13 -29.72
N GLY B 19 -4.21 10.71 -30.59
CA GLY B 19 -3.79 10.03 -31.78
C GLY B 19 -4.83 10.13 -32.88
N ASN B 20 -4.73 9.18 -33.80
CA ASN B 20 -5.74 8.99 -34.83
C ASN B 20 -7.06 8.49 -34.29
N SER B 21 -7.09 8.01 -33.05
CA SER B 21 -8.21 7.29 -32.49
C SER B 21 -9.06 8.18 -31.58
N THR B 22 -10.17 7.62 -31.13
CA THR B 22 -11.17 8.37 -30.38
C THR B 22 -12.10 7.40 -29.66
N ILE B 23 -12.52 7.76 -28.45
CA ILE B 23 -13.47 6.99 -27.67
C ILE B 23 -14.60 7.89 -27.20
N THR B 24 -15.82 7.35 -27.25
CA THR B 24 -17.02 7.96 -26.71
C THR B 24 -17.59 7.07 -25.61
N THR B 25 -18.43 7.68 -24.78
CA THR B 25 -19.17 6.94 -23.78
C THR B 25 -20.24 7.86 -23.20
N GLN B 26 -21.38 7.29 -22.87
CA GLN B 26 -22.53 8.05 -22.40
C GLN B 26 -22.78 7.89 -20.91
N GLU B 27 -22.83 6.65 -20.40
CA GLU B 27 -23.00 6.38 -18.97
C GLU B 27 -21.64 6.03 -18.37
N ALA B 28 -20.88 7.06 -18.04
CA ALA B 28 -19.58 6.92 -17.42
C ALA B 28 -19.56 7.68 -16.10
N ALA B 29 -18.35 7.85 -15.57
CA ALA B 29 -18.12 8.66 -14.38
C ALA B 29 -16.92 9.56 -14.63
N ASN B 30 -16.43 10.21 -13.59
CA ASN B 30 -15.32 11.13 -13.76
C ASN B 30 -14.06 10.35 -14.06
N ILE B 31 -12.99 11.06 -14.39
CA ILE B 31 -11.71 10.47 -14.75
C ILE B 31 -10.81 10.55 -13.53
N ILE B 32 -9.96 9.55 -13.38
CA ILE B 32 -9.01 9.43 -12.28
C ILE B 32 -7.61 9.69 -12.80
N VAL B 33 -6.81 10.34 -11.98
CA VAL B 33 -5.39 10.55 -12.25
C VAL B 33 -4.64 9.84 -11.14
N GLY B 34 -3.93 8.78 -11.51
CA GLY B 34 -3.24 7.94 -10.54
C GLY B 34 -2.19 8.68 -9.75
N TYR B 35 -2.37 8.67 -8.42
CA TYR B 35 -1.42 9.27 -7.49
C TYR B 35 -1.26 10.76 -7.73
N GLY B 36 -2.30 11.38 -8.27
CA GLY B 36 -2.48 12.81 -8.20
C GLY B 36 -1.62 13.64 -9.12
N GLU B 37 -1.13 13.07 -10.21
CA GLU B 37 -0.39 13.90 -11.15
C GLU B 37 -0.35 13.24 -12.51
N TRP B 38 -0.03 14.05 -13.48
CA TRP B 38 -0.08 13.72 -14.89
C TRP B 38 1.25 13.16 -15.36
N PRO B 39 1.27 12.49 -16.51
CA PRO B 39 2.52 12.06 -17.10
C PRO B 39 3.43 13.22 -17.46
N SER B 40 4.67 12.89 -17.82
CA SER B 40 5.64 13.90 -18.20
C SER B 40 6.81 13.25 -18.89
N TYR B 41 7.53 14.07 -19.65
CA TYR B 41 8.84 13.70 -20.16
C TYR B 41 9.90 13.99 -19.10
N CYS B 42 11.04 13.33 -19.24
CA CYS B 42 12.03 13.36 -18.18
C CYS B 42 12.81 14.67 -18.22
N SER B 43 13.26 15.10 -17.04
CA SER B 43 14.02 16.32 -16.90
C SER B 43 15.49 16.04 -17.20
N ASP B 44 16.19 17.12 -17.58
CA ASP B 44 17.61 17.04 -17.83
C ASP B 44 18.44 16.88 -16.57
N SER B 45 17.84 17.11 -15.40
CA SER B 45 18.49 16.94 -14.12
C SER B 45 18.38 15.51 -13.61
N ASP B 46 17.17 14.96 -13.66
CA ASP B 46 16.94 13.59 -13.22
C ASP B 46 17.65 12.60 -14.10
N ALA B 47 17.56 12.79 -15.42
CA ALA B 47 18.15 11.89 -16.39
C ALA B 47 19.66 11.75 -16.21
N THR B 48 20.17 10.65 -16.71
CA THR B 48 21.58 10.28 -16.62
C THR B 48 22.18 9.92 -17.97
N ALA B 49 21.43 9.28 -18.85
CA ALA B 49 21.95 8.92 -20.15
C ALA B 49 22.13 10.15 -21.01
N VAL B 50 23.10 10.07 -21.93
CA VAL B 50 23.49 11.21 -22.74
C VAL B 50 22.88 11.16 -24.14
N ASP B 51 22.50 9.98 -24.63
CA ASP B 51 22.00 9.86 -25.98
C ASP B 51 20.65 10.57 -26.13
N LYS B 52 20.43 11.11 -27.31
CA LYS B 52 19.21 11.84 -27.58
C LYS B 52 18.07 10.85 -27.82
N PRO B 53 16.97 10.90 -27.05
CA PRO B 53 15.89 9.96 -27.32
C PRO B 53 15.16 10.22 -28.62
N THR B 54 14.12 9.44 -28.87
CA THR B 54 13.17 9.70 -29.94
C THR B 54 11.78 9.73 -29.34
N ARG B 55 10.92 10.56 -29.92
CA ARG B 55 9.63 10.86 -29.33
C ARG B 55 8.63 10.93 -30.49
N PRO B 56 8.05 9.79 -30.89
CA PRO B 56 7.19 9.80 -32.11
C PRO B 56 5.93 10.64 -31.97
N ASP B 57 5.21 10.53 -30.87
CA ASP B 57 4.12 11.39 -30.42
C ASP B 57 2.77 11.07 -31.07
N VAL B 58 2.70 10.24 -32.12
CA VAL B 58 1.43 9.80 -32.68
C VAL B 58 1.39 8.30 -32.87
N SER B 59 2.44 7.74 -33.48
CA SER B 59 2.43 6.33 -33.82
C SER B 59 2.40 5.42 -32.61
N VAL B 60 2.71 5.94 -31.43
CA VAL B 60 2.77 5.16 -30.21
C VAL B 60 1.72 5.58 -29.19
N ASN B 61 1.30 6.83 -29.21
CA ASN B 61 0.44 7.39 -28.18
C ASN B 61 -0.98 7.39 -28.71
N ARG B 62 -1.58 6.21 -28.71
CA ARG B 62 -2.92 6.02 -29.24
C ARG B 62 -3.51 4.78 -28.61
N PHE B 63 -4.80 4.58 -28.83
CA PHE B 63 -5.54 3.53 -28.15
C PHE B 63 -5.34 2.20 -28.85
N TYR B 64 -4.84 1.22 -28.10
CA TYR B 64 -4.75 -0.16 -28.52
C TYR B 64 -5.75 -1.01 -27.74
N THR B 65 -6.32 -2.00 -28.41
CA THR B 65 -7.36 -2.84 -27.86
C THR B 65 -6.85 -4.27 -27.80
N LEU B 66 -6.91 -4.86 -26.60
CA LEU B 66 -6.15 -6.06 -26.30
C LEU B 66 -6.91 -7.35 -26.61
N ASP B 67 -7.98 -7.60 -25.88
CA ASP B 67 -8.70 -8.87 -25.98
C ASP B 67 -9.95 -8.76 -25.13
N THR B 68 -10.94 -9.58 -25.48
CA THR B 68 -12.30 -9.45 -24.97
C THR B 68 -12.63 -10.70 -24.17
N LYS B 69 -12.73 -10.54 -22.86
CA LYS B 69 -13.01 -11.65 -21.96
C LYS B 69 -14.52 -11.88 -21.84
N LEU B 70 -14.90 -12.81 -20.97
CA LEU B 70 -16.28 -13.11 -20.66
C LEU B 70 -16.46 -13.17 -19.16
N TRP B 71 -17.64 -12.75 -18.70
CA TRP B 71 -17.95 -12.64 -17.28
C TRP B 71 -19.17 -13.50 -16.98
N GLU B 72 -18.91 -14.70 -16.50
CA GLU B 72 -19.94 -15.63 -16.10
C GLU B 72 -20.30 -15.33 -14.65
N LYS B 73 -21.10 -16.20 -14.04
CA LYS B 73 -21.48 -16.03 -12.65
C LYS B 73 -20.41 -16.58 -11.70
N SER B 74 -19.67 -17.60 -12.15
CA SER B 74 -18.63 -18.24 -11.36
C SER B 74 -17.24 -17.71 -11.72
N SER B 75 -17.14 -16.45 -12.11
CA SER B 75 -15.86 -15.85 -12.44
C SER B 75 -15.19 -15.33 -11.17
N LYS B 76 -13.86 -15.29 -11.22
CA LYS B 76 -13.04 -14.96 -10.07
C LYS B 76 -12.22 -13.69 -10.24
N GLY B 77 -11.62 -13.48 -11.40
CA GLY B 77 -10.83 -12.29 -11.61
C GLY B 77 -9.80 -12.51 -12.70
N TRP B 78 -9.00 -11.47 -12.92
CA TRP B 78 -7.98 -11.47 -13.95
C TRP B 78 -6.89 -10.48 -13.57
N TYR B 79 -5.77 -10.55 -14.29
CA TYR B 79 -4.82 -9.46 -14.28
C TYR B 79 -4.08 -9.39 -15.60
N TRP B 80 -3.52 -8.21 -15.86
CA TRP B 80 -2.67 -7.95 -17.01
C TRP B 80 -1.47 -7.15 -16.51
N LYS B 81 -0.29 -7.44 -17.04
CA LYS B 81 0.91 -6.72 -16.68
C LYS B 81 1.22 -5.68 -17.76
N PHE B 82 1.53 -4.46 -17.36
CA PHE B 82 1.86 -3.38 -18.29
C PHE B 82 3.34 -3.09 -18.05
N PRO B 83 4.20 -2.77 -19.10
CA PRO B 83 3.61 -2.62 -20.44
C PRO B 83 3.82 -3.83 -21.33
N ASP B 84 3.84 -5.00 -20.73
CA ASP B 84 4.05 -6.24 -21.44
C ASP B 84 2.97 -6.44 -22.51
N VAL B 85 1.76 -6.00 -22.23
CA VAL B 85 0.66 -6.16 -23.16
C VAL B 85 0.95 -5.65 -24.58
N LEU B 86 1.71 -4.58 -24.72
CA LEU B 86 2.02 -4.00 -26.03
C LEU B 86 3.40 -4.27 -26.66
N THR B 87 4.09 -5.35 -26.28
CA THR B 87 5.43 -5.61 -26.80
C THR B 87 5.43 -6.37 -28.12
N GLU B 88 4.26 -6.60 -28.71
CA GLU B 88 4.14 -7.26 -30.00
C GLU B 88 3.07 -6.61 -30.85
N THR B 89 2.87 -5.30 -30.68
CA THR B 89 1.69 -4.62 -31.20
C THR B 89 2.07 -3.20 -31.61
N GLY B 90 2.28 -3.00 -32.90
CA GLY B 90 2.39 -1.68 -33.47
C GLY B 90 3.80 -1.16 -33.52
N VAL B 91 3.90 0.13 -33.89
CA VAL B 91 5.19 0.80 -33.91
C VAL B 91 5.69 1.01 -32.49
N PHE B 92 4.80 0.94 -31.50
CA PHE B 92 5.24 0.87 -30.12
C PHE B 92 6.13 -0.34 -29.89
N GLY B 93 5.59 -1.54 -30.11
CA GLY B 93 6.35 -2.75 -29.84
C GLY B 93 7.61 -2.86 -30.68
N GLN B 94 7.54 -2.44 -31.94
CA GLN B 94 8.69 -2.53 -32.81
C GLN B 94 9.71 -1.44 -32.56
N ASN B 95 9.45 -0.53 -31.62
CA ASN B 95 10.50 0.32 -31.06
C ASN B 95 11.05 -0.26 -29.77
N ALA B 96 10.18 -0.83 -28.94
CA ALA B 96 10.61 -1.38 -27.67
C ALA B 96 11.50 -2.60 -27.81
N GLN B 97 11.49 -3.27 -28.97
CA GLN B 97 12.43 -4.35 -29.20
C GLN B 97 13.78 -3.81 -29.63
N PHE B 98 13.79 -2.79 -30.48
CA PHE B 98 15.04 -2.18 -30.91
C PHE B 98 15.77 -1.60 -29.71
N HIS B 99 15.14 -0.64 -29.05
CA HIS B 99 15.78 0.07 -27.97
C HIS B 99 15.85 -0.78 -26.72
N TYR B 100 16.55 -0.24 -25.72
CA TYR B 100 16.79 -0.87 -24.43
C TYR B 100 16.14 -0.14 -23.28
N LEU B 101 16.00 1.18 -23.38
CA LEU B 101 15.44 2.01 -22.34
C LEU B 101 14.09 2.53 -22.76
N TYR B 102 13.21 2.70 -21.78
CA TYR B 102 11.80 2.95 -22.03
C TYR B 102 11.24 3.81 -20.91
N ARG B 103 10.30 4.68 -21.29
CA ARG B 103 9.59 5.51 -20.34
C ARG B 103 8.23 5.82 -20.94
N SER B 104 7.19 5.79 -20.12
CA SER B 104 5.85 6.08 -20.61
C SER B 104 4.86 6.24 -19.47
N GLY B 105 3.72 6.83 -19.81
CA GLY B 105 2.52 6.74 -19.02
C GLY B 105 1.48 5.90 -19.73
N PHE B 106 0.30 5.86 -19.13
CA PHE B 106 -0.80 5.12 -19.72
C PHE B 106 -2.14 5.74 -19.34
N CYS B 107 -3.05 5.73 -20.30
CA CYS B 107 -4.48 5.86 -20.03
C CYS B 107 -5.11 4.50 -20.26
N ILE B 108 -6.07 4.15 -19.41
CA ILE B 108 -6.64 2.82 -19.35
C ILE B 108 -8.15 2.96 -19.28
N HIS B 109 -8.84 2.37 -20.25
CA HIS B 109 -10.29 2.43 -20.34
C HIS B 109 -10.82 1.02 -20.40
N VAL B 110 -11.88 0.74 -19.65
CA VAL B 110 -12.45 -0.59 -19.52
C VAL B 110 -13.92 -0.51 -19.90
N GLN B 111 -14.40 -1.54 -20.59
CA GLN B 111 -15.78 -1.62 -21.06
C GLN B 111 -16.47 -2.82 -20.45
N CYS B 112 -17.70 -2.61 -20.00
CA CYS B 112 -18.63 -3.72 -19.79
C CYS B 112 -20.02 -3.13 -19.76
N ASN B 113 -20.85 -3.54 -20.71
CA ASN B 113 -22.20 -3.04 -20.85
C ASN B 113 -23.19 -4.07 -20.33
N ALA B 114 -24.36 -3.58 -19.95
CA ALA B 114 -25.46 -4.46 -19.60
C ALA B 114 -26.73 -3.62 -19.51
N SER B 115 -27.85 -4.31 -19.50
CA SER B 115 -29.15 -3.66 -19.47
C SER B 115 -29.45 -3.19 -18.06
N LYS B 116 -30.71 -2.82 -17.84
CA LYS B 116 -31.19 -2.32 -16.56
C LYS B 116 -31.84 -3.43 -15.72
N PHE B 117 -31.74 -4.69 -16.14
CA PHE B 117 -32.13 -5.84 -15.33
C PHE B 117 -30.95 -6.63 -14.78
N HIS B 118 -29.73 -6.31 -15.18
CA HIS B 118 -28.54 -7.01 -14.74
C HIS B 118 -27.97 -6.32 -13.51
N GLN B 119 -27.10 -7.02 -12.80
CA GLN B 119 -26.51 -6.45 -11.60
C GLN B 119 -25.16 -7.09 -11.34
N GLY B 120 -24.27 -6.31 -10.73
CA GLY B 120 -22.90 -6.73 -10.52
C GLY B 120 -22.04 -5.54 -10.22
N ALA B 121 -20.80 -5.85 -9.82
CA ALA B 121 -19.82 -4.80 -9.56
C ALA B 121 -18.43 -5.38 -9.72
N LEU B 122 -17.58 -4.63 -10.39
CA LEU B 122 -16.18 -4.96 -10.57
C LEU B 122 -15.32 -4.00 -9.77
N LEU B 123 -14.03 -4.30 -9.69
CA LEU B 123 -13.05 -3.41 -9.10
C LEU B 123 -11.85 -3.34 -10.02
N VAL B 124 -11.55 -2.16 -10.51
CA VAL B 124 -10.55 -1.93 -11.55
C VAL B 124 -9.41 -1.15 -10.89
N ALA B 125 -8.37 -1.85 -10.48
CA ALA B 125 -7.29 -1.26 -9.69
C ALA B 125 -5.97 -1.36 -10.41
N VAL B 126 -5.04 -0.49 -10.00
CA VAL B 126 -3.72 -0.35 -10.59
C VAL B 126 -2.71 -0.45 -9.47
N LEU B 127 -1.93 -1.52 -9.46
CA LEU B 127 -0.98 -1.80 -8.39
C LEU B 127 0.44 -1.81 -8.94
N PRO B 128 1.35 -0.95 -8.47
CA PRO B 128 2.74 -1.05 -8.91
C PRO B 128 3.48 -2.20 -8.24
N GLU B 129 4.33 -2.85 -9.04
CA GLU B 129 5.22 -3.91 -8.58
C GLU B 129 4.41 -5.03 -7.92
N TYR B 130 3.47 -5.56 -8.69
CA TYR B 130 2.61 -6.66 -8.24
C TYR B 130 3.30 -7.98 -8.55
N VAL B 131 4.21 -8.34 -7.65
CA VAL B 131 4.85 -9.64 -7.72
C VAL B 131 3.81 -10.72 -7.49
N ILE B 132 3.98 -11.83 -8.18
CA ILE B 132 3.14 -13.00 -8.04
C ILE B 132 3.83 -14.02 -7.15
N GLY B 133 3.07 -14.64 -6.27
CA GLY B 133 3.60 -15.64 -5.37
C GLY B 133 2.83 -16.93 -5.47
N THR B 134 3.56 -18.04 -5.50
CA THR B 134 2.95 -19.35 -5.60
C THR B 134 2.47 -19.81 -4.23
N VAL B 135 1.93 -21.04 -4.17
CA VAL B 135 1.32 -21.55 -2.97
C VAL B 135 2.25 -22.39 -2.12
N ALA B 136 3.52 -22.51 -2.50
CA ALA B 136 4.52 -23.24 -1.73
C ALA B 136 4.15 -24.72 -1.59
N GLY B 137 3.59 -25.30 -2.65
CA GLY B 137 3.17 -26.67 -2.63
C GLY B 137 1.90 -26.96 -1.84
N GLY B 138 1.35 -25.97 -1.14
CA GLY B 138 0.19 -26.15 -0.29
C GLY B 138 0.56 -26.44 1.14
N THR B 139 1.57 -27.29 1.34
CA THR B 139 2.02 -27.61 2.69
C THR B 139 2.78 -26.46 3.32
N GLY B 140 3.44 -25.63 2.52
CA GLY B 140 4.23 -24.51 2.98
C GLY B 140 5.72 -24.71 2.82
N THR B 141 6.20 -25.95 2.95
CA THR B 141 7.64 -26.20 2.91
C THR B 141 8.19 -26.14 1.49
N GLU B 142 7.47 -26.72 0.54
CA GLU B 142 7.98 -26.87 -0.83
C GLU B 142 8.16 -25.50 -1.46
N ASP B 143 9.41 -25.07 -1.61
CA ASP B 143 9.71 -23.84 -2.33
C ASP B 143 9.47 -24.02 -3.82
N THR B 144 8.74 -23.09 -4.42
CA THR B 144 8.45 -23.07 -5.84
C THR B 144 8.65 -21.64 -6.35
N HIS B 145 8.45 -21.45 -7.64
CA HIS B 145 8.52 -20.13 -8.25
C HIS B 145 7.50 -20.08 -9.38
N PRO B 146 7.01 -18.89 -9.73
CA PRO B 146 5.98 -18.81 -10.76
C PRO B 146 6.59 -18.86 -12.14
N PRO B 147 5.98 -19.58 -13.10
CA PRO B 147 6.60 -19.69 -14.43
C PRO B 147 6.54 -18.41 -15.24
N TYR B 148 7.12 -18.45 -16.44
CA TYR B 148 7.27 -17.24 -17.26
C TYR B 148 5.93 -16.78 -17.83
N LYS B 149 5.00 -17.71 -18.05
CA LYS B 149 3.70 -17.37 -18.61
C LYS B 149 2.69 -16.89 -17.57
N GLN B 150 3.10 -16.73 -16.31
CA GLN B 150 2.28 -16.11 -15.28
C GLN B 150 2.80 -14.76 -14.83
N THR B 151 4.04 -14.42 -15.16
CA THR B 151 4.63 -13.13 -14.85
C THR B 151 4.63 -12.20 -16.04
N GLN B 152 4.69 -12.75 -17.25
CA GLN B 152 4.54 -12.00 -18.49
C GLN B 152 3.58 -12.78 -19.37
N PRO B 153 2.31 -12.86 -18.97
CA PRO B 153 1.37 -13.74 -19.67
C PRO B 153 0.99 -13.27 -21.06
N GLY B 154 1.18 -11.99 -21.36
CA GLY B 154 0.92 -11.45 -22.68
C GLY B 154 -0.25 -10.48 -22.68
N ALA B 155 -0.82 -10.33 -23.88
CA ALA B 155 -2.03 -9.54 -24.03
C ALA B 155 -3.29 -10.34 -23.76
N ASP B 156 -3.20 -11.66 -23.76
CA ASP B 156 -4.35 -12.51 -23.52
C ASP B 156 -4.70 -12.64 -22.04
N GLY B 157 -3.96 -11.98 -21.15
CA GLY B 157 -4.29 -11.98 -19.74
C GLY B 157 -4.12 -13.32 -19.07
N PHE B 158 -4.26 -13.32 -17.75
CA PHE B 158 -4.15 -14.52 -16.95
C PHE B 158 -5.14 -14.45 -15.81
N GLU B 159 -5.74 -15.59 -15.48
CA GLU B 159 -6.82 -15.66 -14.52
C GLU B 159 -6.30 -16.01 -13.14
N LEU B 160 -6.90 -15.40 -12.12
CA LEU B 160 -6.53 -15.66 -10.74
C LEU B 160 -7.15 -16.96 -10.25
N GLN B 161 -6.47 -17.58 -9.28
CA GLN B 161 -6.95 -18.76 -8.58
C GLN B 161 -7.43 -18.47 -7.16
N HIS B 162 -6.74 -17.59 -6.45
CA HIS B 162 -7.07 -17.23 -5.07
C HIS B 162 -7.17 -15.72 -5.00
N PRO B 163 -8.32 -15.15 -5.37
CA PRO B 163 -8.41 -13.69 -5.44
C PRO B 163 -8.55 -12.98 -4.11
N TYR B 164 -8.92 -13.67 -3.03
CA TYR B 164 -9.06 -13.00 -1.76
C TYR B 164 -7.72 -12.47 -1.27
N VAL B 165 -6.63 -13.13 -1.65
CA VAL B 165 -5.28 -12.69 -1.31
C VAL B 165 -4.53 -12.18 -2.54
N LEU B 166 -5.19 -12.04 -3.68
CA LEU B 166 -4.58 -11.52 -4.91
C LEU B 166 -3.37 -12.33 -5.34
N ASP B 167 -3.28 -13.58 -4.90
CA ASP B 167 -2.14 -14.45 -5.19
C ASP B 167 -0.82 -13.84 -4.73
N ALA B 168 -0.83 -13.03 -3.66
CA ALA B 168 0.41 -12.53 -3.11
C ALA B 168 0.40 -12.31 -1.60
N GLY B 169 -0.52 -12.91 -0.87
CA GLY B 169 -0.57 -12.76 0.56
C GLY B 169 -1.10 -11.43 1.05
N ILE B 170 -1.75 -10.66 0.19
CA ILE B 170 -2.29 -9.34 0.52
C ILE B 170 -3.78 -9.32 0.21
N PRO B 171 -4.62 -8.74 1.06
CA PRO B 171 -6.06 -8.80 0.79
C PRO B 171 -6.45 -7.92 -0.38
N ILE B 172 -7.65 -8.21 -0.90
CA ILE B 172 -8.27 -7.32 -1.87
C ILE B 172 -9.09 -6.23 -1.19
N SER B 173 -9.42 -6.41 0.08
CA SER B 173 -10.15 -5.40 0.86
C SER B 173 -9.43 -4.06 0.93
N GLN B 174 -8.12 -4.04 0.72
CA GLN B 174 -7.32 -2.83 0.85
C GLN B 174 -6.80 -2.35 -0.50
N LEU B 175 -7.34 -2.87 -1.60
CA LEU B 175 -6.89 -2.50 -2.93
C LEU B 175 -7.42 -1.15 -3.38
N THR B 176 -8.30 -0.53 -2.60
CA THR B 176 -8.85 0.78 -2.94
C THR B 176 -7.89 1.91 -2.62
N VAL B 177 -6.91 1.67 -1.76
CA VAL B 177 -5.88 2.65 -1.48
C VAL B 177 -5.07 2.97 -2.72
N CYS B 178 -5.05 2.06 -3.68
CA CYS B 178 -4.50 2.29 -5.00
C CYS B 178 -5.50 3.05 -5.86
N PRO B 179 -5.13 3.45 -7.08
CA PRO B 179 -6.11 4.05 -7.98
C PRO B 179 -7.13 3.05 -8.46
N HIS B 180 -8.37 3.19 -7.98
CA HIS B 180 -9.40 2.19 -8.19
C HIS B 180 -10.63 2.81 -8.82
N GLN B 181 -11.40 1.98 -9.51
CA GLN B 181 -12.77 2.29 -9.87
C GLN B 181 -13.59 1.02 -9.93
N TRP B 182 -14.91 1.23 -9.88
CA TRP B 182 -15.91 0.20 -9.89
C TRP B 182 -16.73 0.31 -11.16
N ILE B 183 -17.39 -0.78 -11.52
CA ILE B 183 -18.36 -0.79 -12.62
C ILE B 183 -19.63 -1.43 -12.07
N ASN B 184 -20.48 -0.62 -11.47
CA ASN B 184 -21.79 -1.05 -11.00
C ASN B 184 -22.76 -0.89 -12.16
N LEU B 185 -23.31 -2.01 -12.63
CA LEU B 185 -24.01 -2.00 -13.90
C LEU B 185 -25.30 -1.20 -13.86
N ARG B 186 -25.83 -0.90 -12.67
CA ARG B 186 -26.97 0.02 -12.62
C ARG B 186 -26.54 1.44 -12.92
N THR B 187 -25.33 1.82 -12.50
CA THR B 187 -24.89 3.21 -12.58
C THR B 187 -24.10 3.49 -13.85
N ASN B 188 -22.96 2.83 -14.01
CA ASN B 188 -22.01 3.14 -15.07
C ASN B 188 -21.71 1.89 -15.90
N ASN B 189 -20.90 2.10 -16.93
CA ASN B 189 -20.52 1.03 -17.85
C ASN B 189 -19.06 1.10 -18.27
N CYS B 190 -18.23 1.86 -17.58
CA CYS B 190 -16.83 1.98 -17.96
C CYS B 190 -16.04 2.62 -16.83
N ALA B 191 -14.71 2.50 -16.94
CA ALA B 191 -13.79 3.05 -15.95
C ALA B 191 -12.56 3.55 -16.65
N THR B 192 -12.26 4.84 -16.48
CA THR B 192 -11.13 5.50 -17.12
C THR B 192 -10.11 5.85 -16.05
N ILE B 193 -8.87 5.38 -16.24
CA ILE B 193 -7.79 5.60 -15.29
C ILE B 193 -6.57 6.09 -16.05
N ILE B 194 -5.97 7.17 -15.57
CA ILE B 194 -4.75 7.72 -16.13
C ILE B 194 -3.65 7.52 -15.09
N VAL B 195 -2.45 7.16 -15.56
CA VAL B 195 -1.34 6.78 -14.68
C VAL B 195 -0.04 7.41 -15.16
N PRO B 196 0.79 7.98 -14.27
CA PRO B 196 2.12 8.41 -14.70
C PRO B 196 3.14 7.28 -14.69
N TYR B 197 4.41 7.61 -14.90
CA TYR B 197 5.48 6.62 -14.88
C TYR B 197 5.96 6.44 -13.46
N ILE B 198 5.80 5.23 -12.94
CA ILE B 198 6.03 4.91 -11.55
C ILE B 198 7.25 3.99 -11.50
N ASN B 199 8.39 4.55 -11.13
CA ASN B 199 9.61 3.78 -10.93
C ASN B 199 10.64 4.68 -10.27
N ALA B 200 11.59 4.04 -9.60
CA ALA B 200 12.68 4.75 -8.95
C ALA B 200 13.71 5.26 -9.94
N LEU B 201 13.74 4.72 -11.16
CA LEU B 201 14.74 5.03 -12.16
C LEU B 201 14.10 5.76 -13.33
N PRO B 202 14.77 6.73 -13.95
CA PRO B 202 14.07 7.54 -14.95
C PRO B 202 13.73 6.75 -16.18
N PHE B 203 14.62 5.88 -16.62
CA PHE B 203 14.41 4.95 -17.69
C PHE B 203 14.55 3.54 -17.16
N ASP B 204 13.84 2.61 -17.79
CA ASP B 204 14.01 1.21 -17.48
C ASP B 204 13.47 0.40 -18.64
N SER B 205 13.93 -0.84 -18.72
CA SER B 205 13.56 -1.71 -19.82
C SER B 205 12.06 -1.95 -19.86
N ALA B 206 11.61 -2.42 -21.02
CA ALA B 206 10.20 -2.69 -21.29
C ALA B 206 9.90 -4.17 -21.41
N LEU B 207 10.91 -5.02 -21.45
CA LEU B 207 10.75 -6.45 -21.67
C LEU B 207 10.93 -7.24 -20.39
N ASN B 208 12.02 -6.97 -19.66
CA ASN B 208 12.24 -7.62 -18.38
C ASN B 208 11.32 -7.07 -17.30
N HIS B 209 11.51 -5.80 -16.95
CA HIS B 209 10.72 -5.15 -15.92
C HIS B 209 9.28 -4.98 -16.37
N CYS B 210 8.36 -5.04 -15.40
CA CYS B 210 6.93 -4.84 -15.63
C CYS B 210 6.41 -3.98 -14.49
N ASN B 211 6.11 -2.72 -14.79
CA ASN B 211 6.01 -1.70 -13.75
C ASN B 211 4.75 -1.81 -12.91
N PHE B 212 3.63 -2.23 -13.48
CA PHE B 212 2.42 -2.37 -12.69
C PHE B 212 1.46 -3.33 -13.37
N GLY B 213 0.46 -3.75 -12.61
CA GLY B 213 -0.53 -4.69 -13.05
C GLY B 213 -1.95 -4.23 -12.84
N LEU B 214 -2.74 -4.31 -13.89
CA LEU B 214 -4.16 -4.03 -13.83
C LEU B 214 -4.90 -5.25 -13.31
N LEU B 215 -5.87 -5.02 -12.43
CA LEU B 215 -6.69 -6.09 -11.89
C LEU B 215 -8.16 -5.78 -12.12
N VAL B 216 -8.93 -6.83 -12.33
CA VAL B 216 -10.37 -6.74 -12.53
C VAL B 216 -10.99 -7.91 -11.80
N VAL B 217 -11.63 -7.63 -10.66
CA VAL B 217 -12.15 -8.66 -9.77
C VAL B 217 -13.61 -8.38 -9.51
N PRO B 218 -14.55 -9.28 -9.82
CA PRO B 218 -15.93 -9.05 -9.43
C PRO B 218 -16.16 -9.36 -7.95
N ILE B 219 -16.81 -8.42 -7.27
CA ILE B 219 -17.10 -8.55 -5.85
C ILE B 219 -18.50 -9.09 -5.69
N SER B 220 -19.49 -8.33 -6.17
CA SER B 220 -20.86 -8.80 -6.25
C SER B 220 -21.05 -9.52 -7.58
N PRO B 221 -21.50 -10.78 -7.60
CA PRO B 221 -21.47 -11.53 -8.85
C PRO B 221 -22.56 -11.11 -9.81
N LEU B 222 -22.26 -11.33 -11.09
CA LEU B 222 -23.25 -11.13 -12.14
C LEU B 222 -24.48 -11.98 -11.88
N ASP B 223 -25.66 -11.44 -12.18
CA ASP B 223 -26.88 -12.22 -12.06
C ASP B 223 -27.93 -11.62 -12.96
N TYR B 224 -28.84 -12.47 -13.42
CA TYR B 224 -29.91 -12.08 -14.31
C TYR B 224 -30.99 -13.16 -14.26
N ASP B 225 -31.96 -13.05 -15.15
CA ASP B 225 -33.03 -14.03 -15.32
C ASP B 225 -33.04 -14.54 -16.75
N GLN B 226 -33.54 -15.77 -16.91
CA GLN B 226 -33.58 -16.40 -18.23
C GLN B 226 -34.38 -15.56 -19.22
N GLY B 227 -34.07 -15.76 -20.49
CA GLY B 227 -34.57 -14.90 -21.54
C GLY B 227 -33.72 -13.68 -21.80
N ALA B 228 -32.69 -13.45 -20.99
CA ALA B 228 -31.83 -12.29 -21.10
C ALA B 228 -30.47 -12.72 -21.61
N THR B 229 -29.76 -11.77 -22.18
CA THR B 229 -28.52 -12.07 -22.87
C THR B 229 -27.45 -12.52 -21.88
N PRO B 230 -26.93 -13.77 -21.98
CA PRO B 230 -25.96 -14.23 -20.98
C PRO B 230 -24.53 -13.75 -21.20
N VAL B 231 -24.17 -13.50 -22.45
CA VAL B 231 -22.81 -13.12 -22.78
C VAL B 231 -22.60 -11.67 -22.39
N ILE B 232 -21.71 -11.44 -21.42
CA ILE B 232 -21.43 -10.10 -20.89
C ILE B 232 -19.94 -9.86 -21.00
N PRO B 233 -19.43 -9.44 -22.16
CA PRO B 233 -17.98 -9.35 -22.33
C PRO B 233 -17.38 -8.22 -21.49
N ILE B 234 -16.05 -8.28 -21.41
CA ILE B 234 -15.24 -7.24 -20.78
C ILE B 234 -14.07 -6.95 -21.71
N THR B 235 -13.98 -5.72 -22.18
CA THR B 235 -12.96 -5.29 -23.12
C THR B 235 -12.04 -4.28 -22.45
N ILE B 236 -10.78 -4.33 -22.83
CA ILE B 236 -9.72 -3.54 -22.21
C ILE B 236 -9.07 -2.72 -23.31
N THR B 237 -9.09 -1.41 -23.15
CA THR B 237 -8.50 -0.46 -24.07
C THR B 237 -7.47 0.36 -23.32
N LEU B 238 -6.42 0.79 -24.00
CA LEU B 238 -5.38 1.56 -23.34
C LEU B 238 -4.51 2.28 -24.35
N ALA B 239 -3.87 3.35 -23.89
CA ALA B 239 -3.08 4.22 -24.72
C ALA B 239 -1.78 4.61 -24.01
N PRO B 240 -0.63 4.42 -24.63
CA PRO B 240 0.58 5.06 -24.11
C PRO B 240 0.46 6.57 -24.14
N MET B 241 1.25 7.22 -23.29
CA MET B 241 1.44 8.65 -23.37
C MET B 241 2.85 9.04 -22.96
N CYS B 242 3.37 10.07 -23.62
CA CYS B 242 4.68 10.65 -23.34
C CYS B 242 5.76 9.58 -23.35
N SER B 243 5.85 8.91 -24.50
CA SER B 243 6.70 7.75 -24.65
C SER B 243 8.06 8.15 -25.21
N GLU B 244 9.10 7.64 -24.57
CA GLU B 244 10.49 7.91 -24.94
C GLU B 244 11.19 6.57 -25.12
N PHE B 245 12.31 6.60 -25.83
CA PHE B 245 13.07 5.40 -26.12
C PHE B 245 14.55 5.78 -26.26
N ALA B 246 15.43 4.84 -25.95
CA ALA B 246 16.86 5.14 -26.02
C ALA B 246 17.65 3.84 -25.99
N GLY B 247 18.87 3.92 -26.50
CA GLY B 247 19.73 2.76 -26.63
C GLY B 247 19.44 1.90 -27.84
N LEU B 248 19.59 2.43 -29.04
CA LEU B 248 19.28 1.67 -30.25
C LEU B 248 20.23 0.52 -30.55
N ARG B 249 19.69 -0.59 -31.05
CA ARG B 249 20.45 -1.77 -31.43
C ARG B 249 19.53 -2.80 -32.10
N GLN B 250 19.96 -4.04 -32.29
CA GLN B 250 19.11 -5.04 -32.94
C GLN B 250 17.90 -5.40 -32.11
N ALA B 251 16.88 -5.95 -32.75
CA ALA B 251 15.62 -6.29 -32.11
C ALA B 251 15.78 -7.51 -31.23
N VAL B 252 15.21 -7.41 -30.03
CA VAL B 252 15.25 -8.48 -29.04
C VAL B 252 13.80 -8.83 -28.71
N THR B 253 13.39 -10.03 -29.11
CA THR B 253 12.08 -10.54 -28.72
C THR B 253 11.94 -10.59 -27.20
N GLN B 254 12.81 -11.36 -26.55
CA GLN B 254 12.88 -11.37 -25.10
C GLN B 254 14.33 -11.41 -24.62
N GLY C 1 42.36 15.98 33.10
CA GLY C 1 41.36 16.48 32.12
C GLY C 1 40.19 17.15 32.79
N PHE C 2 39.15 17.35 32.01
CA PHE C 2 37.94 18.00 32.47
C PHE C 2 37.14 17.05 33.36
N PRO C 3 36.88 17.39 34.62
CA PRO C 3 36.16 16.44 35.49
C PRO C 3 34.77 16.09 34.99
N THR C 4 34.49 14.79 34.95
CA THR C 4 33.19 14.24 34.64
C THR C 4 32.75 13.33 35.78
N GLU C 5 31.52 12.82 35.65
CA GLU C 5 30.89 12.09 36.74
C GLU C 5 29.73 11.31 36.12
N LEU C 6 29.94 10.04 35.87
CA LEU C 6 28.99 9.24 35.12
C LEU C 6 27.75 8.95 35.96
N LYS C 7 26.61 9.45 35.50
CA LYS C 7 25.32 9.23 36.15
C LYS C 7 24.72 7.93 35.71
N PRO C 8 23.64 7.48 36.36
CA PRO C 8 22.94 6.28 35.89
C PRO C 8 22.34 6.49 34.51
N GLY C 9 21.85 5.40 33.95
CA GLY C 9 21.45 5.40 32.56
C GLY C 9 22.69 5.38 31.69
N THR C 10 23.65 4.56 32.06
CA THR C 10 24.97 4.54 31.46
C THR C 10 25.23 3.14 30.93
N ASN C 11 25.80 3.07 29.73
CA ASN C 11 26.09 1.81 29.07
C ASN C 11 24.81 1.00 28.90
N GLN C 12 23.79 1.67 28.38
CA GLN C 12 22.47 1.11 28.13
C GLN C 12 22.12 1.40 26.67
N PHE C 13 21.41 0.46 26.05
CA PHE C 13 20.89 0.64 24.70
C PHE C 13 19.37 0.69 24.77
N LEU C 14 18.84 1.92 24.76
CA LEU C 14 17.43 2.17 24.55
C LEU C 14 17.17 2.29 23.06
N THR C 15 16.24 1.48 22.56
CA THR C 15 16.00 1.42 21.12
C THR C 15 15.51 2.74 20.56
N THR C 16 14.68 3.45 21.33
CA THR C 16 14.05 4.68 20.89
C THR C 16 14.85 5.92 21.25
N ASP C 17 16.18 5.81 21.33
CA ASP C 17 17.03 6.93 21.70
C ASP C 17 17.51 7.62 20.44
N ASP C 18 17.03 8.83 20.20
CA ASP C 18 17.43 9.64 19.05
C ASP C 18 18.75 10.31 19.38
N GLY C 19 19.84 9.59 19.11
CA GLY C 19 21.17 10.07 19.38
C GLY C 19 22.07 9.91 18.16
N VAL C 20 23.32 10.30 18.35
CA VAL C 20 24.32 10.33 17.29
C VAL C 20 25.16 9.07 17.34
N SER C 21 25.52 8.56 16.17
CA SER C 21 26.33 7.38 16.03
C SER C 21 27.38 7.62 14.96
N ALA C 22 28.45 6.85 15.02
CA ALA C 22 29.59 7.10 14.16
C ALA C 22 29.37 6.54 12.76
N PRO C 23 29.97 7.14 11.73
CA PRO C 23 29.83 6.61 10.38
C PRO C 23 30.98 5.68 10.03
N ILE C 24 30.85 5.06 8.85
CA ILE C 24 31.79 4.07 8.35
C ILE C 24 32.39 4.50 7.02
N LEU C 25 31.64 5.29 6.25
CA LEU C 25 31.99 5.69 4.89
C LEU C 25 32.09 7.20 4.81
N PRO C 26 33.26 7.79 5.02
CA PRO C 26 33.36 9.25 4.98
C PRO C 26 33.42 9.78 3.56
N ASN C 27 32.91 11.00 3.40
CA ASN C 27 32.81 11.66 2.10
C ASN C 27 31.98 10.86 1.12
N PHE C 28 31.02 10.10 1.63
CA PHE C 28 30.09 9.34 0.80
C PHE C 28 28.90 10.23 0.46
N HIS C 29 28.75 10.56 -0.82
CA HIS C 29 27.61 11.29 -1.32
C HIS C 29 26.69 10.34 -2.06
N PRO C 30 25.45 10.11 -1.65
CA PRO C 30 24.62 9.10 -2.29
C PRO C 30 24.02 9.60 -3.60
N THR C 31 23.19 8.75 -4.18
CA THR C 31 22.60 9.05 -5.47
C THR C 31 21.50 10.12 -5.31
N PRO C 32 21.38 11.05 -6.25
CA PRO C 32 20.29 12.02 -6.15
C PRO C 32 18.93 11.35 -6.28
N CYS C 33 17.90 12.13 -5.98
CA CYS C 33 16.53 11.65 -5.96
C CYS C 33 15.74 12.33 -7.05
N ILE C 34 15.17 11.52 -7.94
CA ILE C 34 14.26 11.98 -8.97
C ILE C 34 12.88 12.10 -8.37
N HIS C 35 11.93 12.62 -9.14
CA HIS C 35 10.55 12.70 -8.69
C HIS C 35 9.87 11.35 -8.89
N ILE C 36 9.43 10.74 -7.80
CA ILE C 36 8.67 9.50 -7.81
C ILE C 36 7.24 9.84 -7.41
N PRO C 37 6.22 9.43 -8.16
CA PRO C 37 4.85 9.75 -7.74
C PRO C 37 4.41 8.94 -6.54
N GLY C 38 3.80 9.61 -5.57
CA GLY C 38 3.17 8.97 -4.44
C GLY C 38 3.86 9.14 -3.12
N GLU C 39 4.49 10.29 -2.89
CA GLU C 39 5.18 10.51 -1.64
C GLU C 39 4.16 10.76 -0.53
N VAL C 40 4.31 10.02 0.56
CA VAL C 40 3.40 10.07 1.70
C VAL C 40 4.22 10.47 2.91
N ARG C 41 3.89 11.63 3.50
CA ARG C 41 4.61 12.19 4.61
C ARG C 41 4.04 11.79 5.96
N ASN C 42 2.80 11.32 6.00
CA ASN C 42 2.16 10.97 7.25
C ASN C 42 1.09 9.91 7.00
N LEU C 43 0.85 9.10 8.02
CA LEU C 43 -0.06 7.97 7.87
C LEU C 43 -1.52 8.39 7.81
N LEU C 44 -1.88 9.56 8.34
CA LEU C 44 -3.26 10.03 8.28
C LEU C 44 -3.73 10.24 6.85
N GLU C 45 -2.83 10.33 5.88
CA GLU C 45 -3.22 10.41 4.48
C GLU C 45 -3.84 9.12 4.00
N LEU C 46 -3.60 8.01 4.71
CA LEU C 46 -4.06 6.68 4.37
C LEU C 46 -5.29 6.28 5.17
N CYS C 47 -5.34 6.69 6.43
CA CYS C 47 -6.50 6.43 7.28
C CYS C 47 -7.73 7.19 6.81
N GLN C 48 -7.57 8.18 5.94
CA GLN C 48 -8.67 8.88 5.29
C GLN C 48 -9.00 8.29 3.94
N VAL C 49 -8.79 6.98 3.75
CA VAL C 49 -8.98 6.30 2.49
C VAL C 49 -9.88 5.11 2.72
N GLU C 50 -10.96 5.01 1.96
CA GLU C 50 -11.94 3.98 2.17
C GLU C 50 -11.41 2.61 1.75
N THR C 51 -11.70 1.61 2.57
CA THR C 51 -11.35 0.23 2.30
C THR C 51 -12.48 -0.67 2.75
N ILE C 52 -12.64 -1.79 2.05
CA ILE C 52 -13.84 -2.59 2.16
C ILE C 52 -13.93 -3.18 3.55
N LEU C 53 -15.15 -3.28 4.06
CA LEU C 53 -15.42 -3.75 5.41
C LEU C 53 -16.15 -5.08 5.34
N GLU C 54 -15.72 -6.02 6.18
CA GLU C 54 -16.24 -7.39 6.15
C GLU C 54 -17.31 -7.55 7.21
N VAL C 55 -18.50 -7.04 6.90
CA VAL C 55 -19.64 -7.24 7.79
C VAL C 55 -20.08 -8.71 7.77
N ASN C 56 -19.97 -9.36 6.62
CA ASN C 56 -20.43 -10.75 6.45
C ASN C 56 -19.33 -11.74 6.81
N ASN C 57 -18.72 -11.60 7.98
CA ASN C 57 -17.62 -12.48 8.36
C ASN C 57 -18.09 -13.75 9.05
N VAL C 58 -19.06 -14.43 8.45
CA VAL C 58 -19.48 -15.76 8.90
C VAL C 58 -18.68 -16.88 8.23
N PRO C 59 -18.36 -16.84 6.93
CA PRO C 59 -17.71 -18.01 6.33
C PRO C 59 -16.26 -18.15 6.79
N THR C 60 -15.71 -19.34 6.58
CA THR C 60 -14.33 -19.62 6.92
C THR C 60 -13.59 -20.35 5.81
N ASN C 61 -14.28 -21.18 5.03
CA ASN C 61 -13.60 -22.02 4.06
C ASN C 61 -13.05 -21.21 2.90
N ALA C 62 -11.97 -21.72 2.31
CA ALA C 62 -11.17 -20.92 1.38
C ALA C 62 -11.87 -20.65 0.05
N THR C 63 -12.98 -21.32 -0.24
CA THR C 63 -13.73 -21.06 -1.46
C THR C 63 -14.70 -19.90 -1.31
N SER C 64 -15.27 -19.70 -0.12
CA SER C 64 -16.30 -18.72 0.12
C SER C 64 -15.78 -17.51 0.90
N LEU C 65 -14.50 -17.21 0.78
CA LEU C 65 -13.94 -16.09 1.52
C LEU C 65 -14.31 -14.76 0.88
N MET C 66 -14.50 -14.74 -0.44
CA MET C 66 -14.96 -13.53 -1.10
C MET C 66 -16.38 -13.14 -0.70
N GLU C 67 -17.13 -14.04 -0.07
CA GLU C 67 -18.47 -13.72 0.38
C GLU C 67 -18.46 -12.77 1.57
N ARG C 68 -17.33 -12.62 2.25
CA ARG C 68 -17.22 -11.68 3.35
C ARG C 68 -17.43 -10.26 2.90
N LEU C 69 -17.05 -9.94 1.68
CA LEU C 69 -17.11 -8.57 1.21
C LEU C 69 -18.49 -7.92 1.18
N ARG C 70 -19.52 -8.67 0.81
CA ARG C 70 -20.86 -8.10 0.72
C ARG C 70 -22.00 -8.89 1.40
N PHE C 71 -23.00 -8.20 1.92
CA PHE C 71 -24.17 -8.82 2.55
C PHE C 71 -25.37 -8.55 1.66
N PRO C 72 -26.34 -9.46 1.64
CA PRO C 72 -27.50 -9.28 0.76
C PRO C 72 -28.60 -8.43 1.37
N VAL C 73 -29.54 -8.07 0.51
CA VAL C 73 -30.86 -7.61 0.92
C VAL C 73 -31.87 -8.20 -0.05
N SER C 74 -32.92 -8.80 0.49
CA SER C 74 -33.95 -9.47 -0.28
C SER C 74 -35.29 -8.81 0.01
N ALA C 75 -36.34 -9.38 -0.56
CA ALA C 75 -37.70 -8.89 -0.38
C ALA C 75 -38.34 -9.55 0.82
N GLN C 76 -39.05 -8.75 1.62
CA GLN C 76 -39.61 -9.16 2.89
C GLN C 76 -41.05 -8.64 2.99
N ALA C 77 -41.70 -8.95 4.12
CA ALA C 77 -43.10 -8.57 4.30
C ALA C 77 -43.26 -7.05 4.41
N GLY C 78 -42.51 -6.42 5.30
CA GLY C 78 -42.61 -4.98 5.51
C GLY C 78 -42.87 -4.60 6.95
N LYS C 79 -42.41 -5.44 7.88
CA LYS C 79 -42.63 -5.22 9.31
C LYS C 79 -41.56 -4.37 9.97
N GLY C 80 -40.52 -3.97 9.23
CA GLY C 80 -39.42 -3.25 9.85
C GLY C 80 -38.47 -4.14 10.60
N GLU C 81 -37.72 -4.96 9.87
CA GLU C 81 -36.97 -6.08 10.41
C GLU C 81 -35.46 -5.91 10.21
N LEU C 82 -34.72 -6.73 10.96
CA LEU C 82 -33.28 -6.58 11.08
C LEU C 82 -32.54 -7.29 9.96
N CYS C 83 -31.44 -6.68 9.53
CA CYS C 83 -30.60 -7.18 8.44
C CYS C 83 -29.18 -7.48 8.90
N ALA C 84 -28.55 -6.57 9.62
CA ALA C 84 -27.16 -6.73 9.99
C ALA C 84 -26.85 -5.84 11.18
N VAL C 85 -25.77 -6.18 11.88
CA VAL C 85 -25.24 -5.37 12.96
C VAL C 85 -23.73 -5.52 12.97
N PHE C 86 -23.07 -4.55 13.60
CA PHE C 86 -21.63 -4.61 13.83
C PHE C 86 -21.26 -3.46 14.74
N ARG C 87 -20.09 -3.57 15.36
CA ARG C 87 -19.59 -2.56 16.28
C ARG C 87 -18.82 -1.49 15.55
N ALA C 88 -18.66 -0.35 16.23
CA ALA C 88 -17.87 0.77 15.75
C ALA C 88 -16.47 0.80 16.35
N ASP C 89 -15.95 -0.37 16.75
CA ASP C 89 -14.64 -0.49 17.37
C ASP C 89 -13.61 -0.88 16.32
N PRO C 90 -12.77 0.04 15.81
CA PRO C 90 -11.80 -0.35 14.79
C PRO C 90 -10.68 -1.26 15.27
N GLY C 91 -10.01 -0.92 16.37
CA GLY C 91 -8.90 -1.72 16.85
C GLY C 91 -9.29 -3.08 17.39
N ARG C 92 -10.58 -3.36 17.54
CA ARG C 92 -11.04 -4.61 18.11
C ARG C 92 -11.25 -5.66 17.02
N ASN C 93 -11.16 -6.93 17.43
CA ASN C 93 -11.37 -8.01 16.48
C ASN C 93 -12.78 -8.00 15.92
N GLY C 94 -12.88 -8.04 14.60
CA GLY C 94 -14.17 -7.96 13.97
C GLY C 94 -14.11 -7.62 12.49
N PRO C 95 -15.14 -6.96 11.98
CA PRO C 95 -15.12 -6.53 10.58
C PRO C 95 -13.99 -5.58 10.25
N TRP C 96 -13.56 -4.79 11.22
CA TRP C 96 -12.64 -3.69 11.00
C TRP C 96 -11.20 -4.13 10.77
N GLN C 97 -10.89 -5.42 10.85
CA GLN C 97 -9.53 -5.87 10.61
C GLN C 97 -9.19 -5.92 9.13
N SER C 98 -10.20 -5.99 8.26
CA SER C 98 -9.97 -5.95 6.83
C SER C 98 -9.42 -4.60 6.36
N THR C 99 -9.59 -3.55 7.14
CA THR C 99 -9.27 -2.21 6.71
C THR C 99 -7.78 -1.91 6.85
N LEU C 100 -7.36 -0.86 6.16
CA LEU C 100 -6.08 -0.22 6.40
C LEU C 100 -6.13 0.72 7.60
N LEU C 101 -7.32 1.05 8.08
CA LEU C 101 -7.46 1.81 9.30
C LEU C 101 -7.33 0.92 10.52
N GLY C 102 -7.99 -0.22 10.51
CA GLY C 102 -7.94 -1.13 11.62
C GLY C 102 -6.62 -1.86 11.78
N GLN C 103 -5.76 -1.79 10.77
CA GLN C 103 -4.43 -2.36 10.85
C GLN C 103 -3.37 -1.34 11.22
N LEU C 104 -3.64 -0.05 11.01
CA LEU C 104 -2.79 1.03 11.47
C LEU C 104 -3.15 1.50 12.88
N CYS C 105 -4.27 1.06 13.43
CA CYS C 105 -4.56 1.22 14.84
C CYS C 105 -4.05 0.05 15.68
N GLY C 106 -3.41 -0.93 15.07
CA GLY C 106 -2.70 -1.94 15.84
C GLY C 106 -1.32 -1.47 16.25
N TYR C 107 -0.71 -0.61 15.45
CA TYR C 107 0.56 0.00 15.75
C TYR C 107 0.41 1.29 16.56
N TYR C 108 -0.77 1.54 17.11
CA TYR C 108 -1.02 2.71 17.93
C TYR C 108 -2.13 2.37 18.91
N THR C 109 -1.93 2.72 20.16
CA THR C 109 -2.86 2.32 21.21
C THR C 109 -4.14 3.14 21.19
N GLN C 110 -4.00 4.44 21.37
CA GLN C 110 -5.13 5.32 21.59
C GLN C 110 -5.58 5.94 20.28
N TRP C 111 -6.85 6.32 20.22
CA TRP C 111 -7.39 6.96 19.04
C TRP C 111 -8.45 7.96 19.46
N SER C 112 -8.94 8.69 18.46
CA SER C 112 -9.82 9.84 18.64
C SER C 112 -10.52 10.12 17.33
N GLY C 113 -11.18 11.26 17.24
CA GLY C 113 -11.83 11.67 16.01
C GLY C 113 -13.11 10.94 15.71
N SER C 114 -13.74 11.39 14.62
CA SER C 114 -14.96 10.83 14.09
C SER C 114 -14.62 9.85 12.98
N LEU C 115 -15.49 8.86 12.81
CA LEU C 115 -15.38 7.84 11.79
C LEU C 115 -16.49 8.02 10.77
N GLU C 116 -16.42 7.29 9.66
CA GLU C 116 -17.41 7.34 8.56
C GLU C 116 -17.53 5.94 7.94
N VAL C 117 -18.74 5.47 7.62
CA VAL C 117 -18.97 4.17 7.02
C VAL C 117 -19.88 4.39 5.83
N THR C 118 -19.35 4.14 4.63
CA THR C 118 -20.08 4.33 3.38
C THR C 118 -20.54 2.99 2.84
N PHE C 119 -21.80 2.93 2.41
CA PHE C 119 -22.41 1.74 1.84
C PHE C 119 -22.67 1.95 0.36
N MET C 120 -22.76 0.85 -0.38
CA MET C 120 -23.02 0.92 -1.80
C MET C 120 -23.83 -0.28 -2.25
N PHE C 121 -24.71 -0.06 -3.22
CA PHE C 121 -25.74 -1.00 -3.60
C PHE C 121 -25.47 -1.50 -5.02
N THR C 122 -25.21 -2.80 -5.13
CA THR C 122 -24.91 -3.46 -6.40
C THR C 122 -26.12 -4.16 -6.98
N GLY C 123 -27.30 -3.57 -6.81
CA GLY C 123 -28.52 -4.15 -7.34
C GLY C 123 -28.84 -3.61 -8.71
N SER C 124 -30.05 -3.93 -9.16
CA SER C 124 -30.48 -3.58 -10.50
C SER C 124 -31.06 -2.17 -10.53
N PHE C 125 -30.99 -1.56 -11.72
CA PHE C 125 -31.46 -0.19 -11.86
C PHE C 125 -32.96 -0.07 -11.64
N MET C 126 -33.73 -1.11 -11.95
CA MET C 126 -35.17 -1.08 -11.84
C MET C 126 -35.67 -1.50 -10.47
N ALA C 127 -34.80 -1.51 -9.47
CA ALA C 127 -35.15 -1.84 -8.10
C ALA C 127 -35.24 -0.59 -7.24
N THR C 128 -35.98 -0.73 -6.14
CA THR C 128 -36.22 0.35 -5.22
C THR C 128 -36.19 -0.18 -3.79
N GLY C 129 -36.02 0.73 -2.86
CA GLY C 129 -36.05 0.39 -1.45
C GLY C 129 -35.57 1.54 -0.62
N LYS C 130 -35.75 1.39 0.69
CA LYS C 130 -35.29 2.35 1.67
C LYS C 130 -34.81 1.59 2.89
N MET C 131 -33.87 2.19 3.60
CA MET C 131 -33.22 1.55 4.73
C MET C 131 -33.01 2.58 5.83
N LEU C 132 -32.90 2.07 7.05
CA LEU C 132 -32.75 2.88 8.26
C LEU C 132 -31.46 2.48 8.96
N ILE C 133 -30.42 3.20 8.70
CA ILE C 133 -29.14 2.96 9.34
C ILE C 133 -29.14 3.73 10.66
N ALA C 134 -28.53 3.16 11.68
CA ALA C 134 -28.54 3.74 13.02
C ALA C 134 -27.20 3.53 13.68
N TYR C 135 -26.92 4.41 14.65
CA TYR C 135 -25.74 4.33 15.50
C TYR C 135 -26.23 4.43 16.94
N THR C 136 -26.05 3.36 17.69
CA THR C 136 -26.51 3.26 19.07
C THR C 136 -25.32 3.48 19.98
N PRO C 137 -25.20 4.63 20.67
CA PRO C 137 -23.99 4.88 21.43
C PRO C 137 -23.81 3.92 22.59
N PRO C 138 -22.71 4.05 23.32
CA PRO C 138 -22.42 3.11 24.41
C PRO C 138 -23.50 3.12 25.49
N GLY C 139 -23.41 2.13 26.35
CA GLY C 139 -24.36 1.94 27.43
C GLY C 139 -25.58 1.15 27.04
N GLY C 140 -26.18 1.51 25.93
CA GLY C 140 -27.46 0.97 25.55
C GLY C 140 -27.33 -0.43 24.97
N PRO C 141 -28.26 -1.33 25.26
CA PRO C 141 -28.16 -2.67 24.70
C PRO C 141 -28.46 -2.67 23.21
N LEU C 142 -28.25 -3.83 22.62
CA LEU C 142 -28.56 -4.01 21.21
C LEU C 142 -30.06 -3.83 20.98
N PRO C 143 -30.49 -3.00 20.03
CA PRO C 143 -31.94 -2.82 19.84
C PRO C 143 -32.62 -4.10 19.37
N LYS C 144 -33.80 -4.34 19.92
CA LYS C 144 -34.60 -5.50 19.56
C LYS C 144 -35.51 -5.23 18.36
N ASP C 145 -35.90 -3.97 18.16
CA ASP C 145 -36.84 -3.59 17.12
C ASP C 145 -36.36 -2.32 16.44
N ARG C 146 -37.05 -1.95 15.37
CA ARG C 146 -36.66 -0.79 14.59
C ARG C 146 -37.06 0.50 15.25
N ALA C 147 -38.02 0.46 16.16
CA ALA C 147 -38.52 1.63 16.86
C ALA C 147 -37.75 1.95 18.13
N THR C 148 -36.57 1.36 18.30
CA THR C 148 -35.70 1.59 19.44
C THR C 148 -34.33 2.08 19.00
N ALA C 149 -33.79 1.50 17.92
CA ALA C 149 -32.58 2.01 17.31
C ALA C 149 -32.80 3.38 16.70
N MET C 150 -34.04 3.69 16.34
CA MET C 150 -34.39 4.98 15.76
C MET C 150 -34.05 6.13 16.71
N LEU C 151 -34.10 5.91 18.01
CA LEU C 151 -33.94 7.00 18.96
C LEU C 151 -32.51 7.53 19.00
N GLY C 152 -31.57 6.87 18.33
CA GLY C 152 -30.22 7.36 18.23
C GLY C 152 -29.92 7.97 16.88
N THR C 153 -28.63 8.26 16.69
CA THR C 153 -28.17 8.81 15.43
C THR C 153 -28.45 7.87 14.28
N HIS C 154 -29.19 8.35 13.29
CA HIS C 154 -29.70 7.50 12.22
C HIS C 154 -29.77 8.26 10.91
N VAL C 155 -29.75 7.49 9.82
CA VAL C 155 -29.77 8.00 8.46
C VAL C 155 -30.74 7.15 7.66
N ILE C 156 -31.44 7.79 6.72
CA ILE C 156 -32.39 7.12 5.84
C ILE C 156 -31.97 7.37 4.40
N TRP C 157 -31.97 6.30 3.59
CA TRP C 157 -31.43 6.34 2.24
C TRP C 157 -32.37 5.68 1.25
N ASP C 158 -32.62 6.37 0.14
CA ASP C 158 -33.44 5.87 -0.94
C ASP C 158 -32.53 5.34 -2.04
N PHE C 159 -32.85 4.15 -2.52
CA PHE C 159 -32.09 3.59 -3.62
C PHE C 159 -32.36 4.43 -4.86
N GLY C 160 -31.32 4.72 -5.62
CA GLY C 160 -31.48 5.57 -6.77
C GLY C 160 -30.22 5.69 -7.58
N LEU C 161 -30.14 6.81 -8.31
CA LEU C 161 -28.97 7.09 -9.14
C LEU C 161 -27.71 7.11 -8.30
N GLN C 162 -27.66 8.00 -7.32
CA GLN C 162 -26.59 8.02 -6.34
C GLN C 162 -26.66 6.73 -5.54
N SER C 163 -25.76 5.81 -5.84
CA SER C 163 -25.81 4.43 -5.38
C SER C 163 -25.14 4.23 -4.04
N SER C 164 -25.03 5.28 -3.22
CA SER C 164 -24.28 5.20 -1.98
C SER C 164 -24.88 6.15 -0.97
N VAL C 165 -24.51 5.93 0.29
CA VAL C 165 -24.84 6.84 1.37
C VAL C 165 -23.72 6.76 2.39
N THR C 166 -23.55 7.84 3.15
CA THR C 166 -22.52 7.94 4.17
C THR C 166 -23.18 8.04 5.53
N LEU C 167 -22.96 7.04 6.37
CA LEU C 167 -23.19 7.16 7.79
C LEU C 167 -21.95 7.75 8.43
N VAL C 168 -22.15 8.60 9.43
CA VAL C 168 -21.06 9.27 10.13
C VAL C 168 -21.18 8.94 11.60
N ILE C 169 -20.08 8.48 12.18
CA ILE C 169 -20.02 8.03 13.56
C ILE C 169 -19.28 9.10 14.36
N PRO C 170 -19.97 10.11 14.88
CA PRO C 170 -19.26 11.20 15.55
C PRO C 170 -18.55 10.76 16.82
N TRP C 171 -17.85 11.71 17.42
CA TRP C 171 -17.02 11.45 18.59
C TRP C 171 -17.83 11.76 19.83
N ILE C 172 -18.33 10.71 20.46
CA ILE C 172 -19.09 10.80 21.69
C ILE C 172 -18.29 10.04 22.74
N SER C 173 -17.65 10.77 23.64
CA SER C 173 -16.80 10.15 24.66
C SER C 173 -16.60 11.11 25.81
N ASN C 174 -16.57 10.54 27.01
CA ASN C 174 -16.10 11.26 28.19
C ASN C 174 -14.62 11.58 28.09
N THR C 175 -13.84 10.71 27.45
CA THR C 175 -12.41 10.89 27.29
C THR C 175 -12.08 11.56 25.97
N HIS C 176 -10.97 12.27 25.96
CA HIS C 176 -10.45 12.81 24.70
C HIS C 176 -9.92 11.70 23.81
N TYR C 177 -9.31 10.68 24.41
CA TYR C 177 -8.73 9.55 23.72
C TYR C 177 -9.35 8.24 24.20
N ARG C 178 -9.19 7.20 23.38
CA ARG C 178 -9.71 5.86 23.66
C ARG C 178 -8.65 4.81 23.34
N ALA C 179 -8.13 4.15 24.37
CA ALA C 179 -7.39 2.93 24.16
C ALA C 179 -8.33 1.83 23.72
N HIS C 180 -7.78 0.81 23.07
CA HIS C 180 -8.60 -0.18 22.42
C HIS C 180 -9.35 -1.03 23.43
N ALA C 181 -10.42 -1.64 22.95
CA ALA C 181 -11.42 -2.29 23.77
C ALA C 181 -11.38 -3.80 23.60
N ARG C 182 -11.85 -4.49 24.62
CA ARG C 182 -12.03 -5.93 24.58
C ARG C 182 -12.87 -6.32 25.77
N ASP C 183 -13.23 -7.60 25.82
CA ASP C 183 -14.08 -8.10 26.90
C ASP C 183 -13.33 -8.00 28.23
N GLY C 184 -13.96 -7.36 29.21
CA GLY C 184 -13.36 -7.11 30.50
C GLY C 184 -13.73 -5.74 31.02
N VAL C 185 -12.77 -5.09 31.70
CA VAL C 185 -12.97 -3.71 32.13
C VAL C 185 -12.62 -2.71 31.04
N PHE C 186 -11.99 -3.14 29.95
CA PHE C 186 -11.69 -2.28 28.82
C PHE C 186 -12.88 -2.10 27.88
N ASP C 187 -14.07 -2.59 28.23
CA ASP C 187 -15.28 -2.14 27.57
C ASP C 187 -15.72 -0.78 28.05
N TYR C 188 -14.95 -0.13 28.93
CA TYR C 188 -15.12 1.28 29.22
C TYR C 188 -14.85 2.15 28.01
N TYR C 189 -14.15 1.62 27.00
CA TYR C 189 -13.79 2.34 25.79
C TYR C 189 -14.46 1.76 24.56
N THR C 190 -15.67 1.24 24.70
CA THR C 190 -16.41 0.74 23.56
C THR C 190 -17.06 1.90 22.82
N THR C 191 -17.13 1.79 21.50
CA THR C 191 -17.63 2.87 20.66
C THR C 191 -19.15 2.82 20.54
N GLY C 192 -19.71 1.67 20.28
CA GLY C 192 -21.15 1.55 20.13
C GLY C 192 -21.51 0.38 19.24
N LEU C 193 -22.49 0.63 18.37
CA LEU C 193 -23.08 -0.39 17.52
C LEU C 193 -23.67 0.28 16.30
N VAL C 194 -23.69 -0.45 15.19
CA VAL C 194 -24.44 -0.07 14.01
C VAL C 194 -25.47 -1.16 13.78
N SER C 195 -26.65 -0.78 13.31
CA SER C 195 -27.82 -1.65 13.31
C SER C 195 -28.72 -1.22 12.17
N ILE C 196 -28.74 -2.02 11.11
CA ILE C 196 -29.41 -1.69 9.86
C ILE C 196 -30.78 -2.36 9.83
N TRP C 197 -31.76 -1.64 9.27
CA TRP C 197 -33.16 -2.03 9.32
C TRP C 197 -33.83 -1.67 8.01
N TYR C 198 -35.02 -2.24 7.81
CA TYR C 198 -35.85 -1.94 6.64
C TYR C 198 -36.87 -0.87 7.02
N GLN C 199 -36.99 0.15 6.17
CA GLN C 199 -37.94 1.22 6.38
C GLN C 199 -39.24 0.97 5.63
N THR C 200 -39.15 0.60 4.35
CA THR C 200 -40.34 0.16 3.61
C THR C 200 -40.24 -1.28 3.14
N ASN C 201 -39.41 -1.61 2.15
CA ASN C 201 -39.28 -2.96 1.60
C ASN C 201 -38.26 -2.92 0.47
N TYR C 202 -37.97 -4.09 -0.12
CA TYR C 202 -37.18 -4.21 -1.34
C TYR C 202 -38.12 -4.58 -2.47
N VAL C 203 -38.44 -3.62 -3.31
CA VAL C 203 -39.42 -3.76 -4.37
C VAL C 203 -38.68 -3.87 -5.69
N VAL C 204 -39.20 -4.71 -6.59
CA VAL C 204 -38.54 -5.02 -7.84
C VAL C 204 -39.59 -5.55 -8.82
N PRO C 205 -39.51 -5.26 -10.14
CA PRO C 205 -40.54 -5.74 -11.05
C PRO C 205 -40.29 -7.15 -11.57
N ILE C 206 -41.13 -7.58 -12.52
CA ILE C 206 -40.92 -8.86 -13.20
C ILE C 206 -39.68 -8.76 -14.08
N GLY C 207 -38.91 -9.84 -14.11
CA GLY C 207 -37.78 -9.96 -14.98
C GLY C 207 -36.44 -9.77 -14.31
N ALA C 208 -36.40 -9.13 -13.17
CA ALA C 208 -35.17 -8.81 -12.46
C ALA C 208 -34.96 -9.78 -11.30
N PRO C 209 -33.74 -9.85 -10.76
CA PRO C 209 -33.51 -10.77 -9.64
C PRO C 209 -34.21 -10.31 -8.38
N ASN C 210 -34.47 -11.29 -7.50
CA ASN C 210 -35.14 -11.03 -6.24
C ASN C 210 -34.19 -10.65 -5.13
N THR C 211 -32.90 -10.94 -5.26
CA THR C 211 -31.89 -10.67 -4.25
C THR C 211 -30.79 -9.81 -4.82
N ALA C 212 -30.27 -8.93 -3.98
CA ALA C 212 -29.23 -7.98 -4.34
C ALA C 212 -28.11 -8.09 -3.31
N TYR C 213 -27.11 -7.22 -3.45
CA TYR C 213 -25.97 -7.21 -2.54
C TYR C 213 -25.56 -5.79 -2.24
N ILE C 214 -25.11 -5.57 -1.00
CA ILE C 214 -24.62 -4.29 -0.53
C ILE C 214 -23.17 -4.44 -0.12
N ILE C 215 -22.36 -3.45 -0.49
CA ILE C 215 -20.95 -3.38 -0.18
C ILE C 215 -20.72 -2.18 0.73
N ALA C 216 -19.83 -2.33 1.71
CA ALA C 216 -19.51 -1.30 2.67
C ALA C 216 -18.06 -0.88 2.60
N LEU C 217 -17.76 0.28 3.16
CA LEU C 217 -16.51 0.99 2.90
C LEU C 217 -16.21 1.86 4.10
N ALA C 218 -15.32 1.42 4.96
CA ALA C 218 -15.01 2.09 6.20
C ALA C 218 -13.78 2.97 6.06
N ALA C 219 -13.77 4.06 6.81
CA ALA C 219 -12.72 5.06 6.73
C ALA C 219 -12.84 5.99 7.92
N ALA C 220 -12.09 7.09 7.88
CA ALA C 220 -12.06 8.08 8.92
C ALA C 220 -12.35 9.46 8.34
N GLN C 221 -12.43 10.44 9.24
CA GLN C 221 -12.60 11.83 8.90
C GLN C 221 -11.33 12.57 9.29
N LYS C 222 -11.35 13.89 9.19
CA LYS C 222 -10.17 14.71 9.31
C LYS C 222 -9.76 15.00 10.75
N ASN C 223 -10.55 14.58 11.74
CA ASN C 223 -10.21 14.78 13.13
C ASN C 223 -9.69 13.51 13.81
N PHE C 224 -9.37 12.48 13.04
CA PHE C 224 -8.78 11.26 13.56
C PHE C 224 -7.32 11.50 13.92
N THR C 225 -6.90 10.93 15.06
CA THR C 225 -5.51 10.94 15.49
C THR C 225 -5.23 9.65 16.24
N MET C 226 -3.95 9.34 16.38
CA MET C 226 -3.47 8.16 17.08
C MET C 226 -2.17 8.51 17.78
N LYS C 227 -1.86 7.80 18.86
CA LYS C 227 -0.60 8.01 19.55
C LYS C 227 -0.20 6.79 20.36
N LEU C 228 0.98 6.87 20.96
CA LEU C 228 1.58 5.82 21.78
C LEU C 228 1.76 4.54 20.96
N CYS C 229 2.73 4.62 20.06
CA CYS C 229 3.00 3.55 19.13
C CYS C 229 3.48 2.30 19.88
N LYS C 230 3.18 1.15 19.30
CA LYS C 230 3.51 -0.13 19.90
C LYS C 230 3.67 -1.15 18.79
N ASP C 231 3.71 -2.43 19.16
CA ASP C 231 3.77 -3.54 18.24
C ASP C 231 2.45 -4.28 18.27
N ALA C 232 2.05 -4.81 17.13
CA ALA C 232 0.76 -5.43 16.95
C ALA C 232 0.74 -6.84 17.52
N SER C 233 -0.47 -7.42 17.56
CA SER C 233 -0.65 -8.78 18.05
C SER C 233 -0.33 -9.79 16.96
N ASP C 234 -0.70 -9.49 15.72
CA ASP C 234 -0.50 -10.39 14.60
C ASP C 234 0.96 -10.35 14.18
N ILE C 235 1.71 -11.38 14.58
CA ILE C 235 3.08 -11.57 14.16
C ILE C 235 3.07 -12.72 13.16
N LEU C 236 3.28 -12.40 11.89
CA LEU C 236 3.04 -13.34 10.79
C LEU C 236 4.31 -14.13 10.54
N GLN C 237 4.55 -15.08 11.42
CA GLN C 237 5.76 -15.90 11.42
C GLN C 237 5.56 -17.07 12.36
N THR C 238 5.82 -18.28 11.89
CA THR C 238 5.75 -19.48 12.72
C THR C 238 7.12 -19.83 13.28
N GLY C 239 8.05 -20.14 12.40
CA GLY C 239 9.44 -20.40 12.76
C GLY C 239 10.39 -19.45 12.09
N THR C 240 11.29 -19.99 11.28
CA THR C 240 12.31 -19.21 10.60
C THR C 240 11.93 -19.01 9.14
N ILE C 241 11.91 -17.76 8.70
CA ILE C 241 11.77 -17.42 7.30
C ILE C 241 13.10 -17.74 6.63
N GLN C 242 13.11 -18.74 5.75
CA GLN C 242 14.33 -19.30 5.21
C GLN C 242 14.56 -18.91 3.75
N SER D 12 27.30 24.65 11.16
CA SER D 12 28.14 23.42 11.00
C SER D 12 28.68 23.34 9.56
N HIS D 13 29.99 23.20 9.45
CA HIS D 13 30.67 23.15 8.16
C HIS D 13 30.85 21.69 7.72
N GLU D 14 29.71 21.00 7.61
CA GLU D 14 29.66 19.59 7.28
C GLU D 14 29.19 19.40 5.85
N ASN D 15 29.03 18.14 5.47
CA ASN D 15 28.64 17.75 4.13
C ASN D 15 27.15 17.45 4.05
N SER D 16 26.61 17.63 2.85
CA SER D 16 25.20 17.35 2.58
C SER D 16 25.04 15.93 2.04
N ASN D 17 25.46 14.97 2.87
CA ASN D 17 25.40 13.57 2.51
C ASN D 17 24.07 12.91 2.86
N SER D 18 23.21 13.57 3.63
CA SER D 18 21.98 12.95 4.10
C SER D 18 21.07 12.56 2.95
N ALA D 19 20.12 11.69 3.26
CA ALA D 19 19.15 11.24 2.26
C ALA D 19 18.13 12.31 1.93
N THR D 20 17.77 13.14 2.91
CA THR D 20 16.74 14.16 2.71
C THR D 20 17.26 15.42 2.02
N GLU D 21 18.53 15.44 1.61
CA GLU D 21 19.03 16.58 0.87
C GLU D 21 18.32 16.67 -0.47
N GLY D 22 17.44 17.65 -0.60
CA GLY D 22 16.58 17.80 -1.76
C GLY D 22 15.10 17.79 -1.45
N SER D 23 14.73 17.63 -0.18
CA SER D 23 13.34 17.69 0.24
C SER D 23 12.96 19.13 0.57
N THR D 24 11.66 19.43 0.47
CA THR D 24 11.14 20.76 0.72
C THR D 24 10.62 20.93 2.13
N ILE D 25 11.26 20.29 3.11
CA ILE D 25 10.95 20.46 4.52
C ILE D 25 12.24 20.79 5.27
N ASN D 26 12.07 21.31 6.49
CA ASN D 26 13.17 21.80 7.31
C ASN D 26 13.32 20.95 8.56
N TYR D 27 14.56 20.59 8.90
CA TYR D 27 14.89 19.84 10.09
C TYR D 27 15.80 20.65 10.98
N THR D 28 15.88 20.22 12.25
CA THR D 28 16.88 20.69 13.18
C THR D 28 17.48 19.46 13.84
N THR D 29 18.81 19.39 13.87
CA THR D 29 19.51 18.18 14.24
C THR D 29 20.71 18.51 15.11
N ILE D 30 21.36 17.46 15.59
CA ILE D 30 22.54 17.56 16.43
C ILE D 30 23.58 16.59 15.88
N ASN D 31 24.80 17.08 15.67
CA ASN D 31 25.82 16.28 15.03
C ASN D 31 27.21 16.72 15.49
N TYR D 32 28.16 15.81 15.39
CA TYR D 32 29.55 16.01 15.74
C TYR D 32 30.51 15.61 14.64
N TYR D 33 30.21 14.54 13.91
CA TYR D 33 31.03 14.11 12.81
C TYR D 33 30.68 14.91 11.55
N LYS D 34 31.60 14.89 10.58
CA LYS D 34 31.46 15.71 9.38
C LYS D 34 30.47 15.18 8.37
N ASP D 35 29.86 14.03 8.64
CA ASP D 35 29.03 13.33 7.68
C ASP D 35 27.59 13.35 8.19
N SER D 36 26.71 13.98 7.44
CA SER D 36 25.39 14.33 7.95
C SER D 36 24.45 13.14 8.06
N TYR D 37 24.77 12.01 7.44
CA TYR D 37 24.00 10.80 7.68
C TYR D 37 24.26 10.19 9.04
N ALA D 38 25.13 10.77 9.85
CA ALA D 38 25.33 10.38 11.23
C ALA D 38 24.55 11.26 12.19
N ALA D 39 23.76 12.20 11.68
CA ALA D 39 23.03 13.12 12.53
C ALA D 39 21.81 12.41 13.11
N THR D 40 21.06 13.16 13.89
CA THR D 40 19.85 12.66 14.49
C THR D 40 18.69 12.71 13.49
N ALA D 41 17.64 11.97 13.80
CA ALA D 41 16.42 12.06 13.01
C ALA D 41 15.83 13.46 13.09
N GLY D 42 15.46 13.89 14.29
CA GLY D 42 14.98 15.24 14.50
C GLY D 42 13.48 15.34 14.37
N LYS D 43 13.04 16.56 14.08
CA LYS D 43 11.64 16.89 13.89
C LYS D 43 11.38 17.13 12.41
N GLN D 44 10.31 16.52 11.91
CA GLN D 44 9.88 16.77 10.54
C GLN D 44 8.88 17.92 10.50
N SER D 45 8.63 18.40 9.29
CA SER D 45 7.60 19.40 9.05
C SER D 45 6.26 18.70 8.91
N LEU D 46 5.26 19.22 9.60
CA LEU D 46 3.97 18.55 9.72
C LEU D 46 3.06 19.01 8.59
N LYS D 47 2.81 18.12 7.64
CA LYS D 47 2.05 18.42 6.44
C LYS D 47 1.26 17.18 6.04
N GLN D 48 0.34 17.38 5.09
CA GLN D 48 -0.51 16.30 4.63
C GLN D 48 -0.95 16.61 3.21
N ASP D 49 -1.51 15.61 2.56
CA ASP D 49 -2.12 15.75 1.24
C ASP D 49 -3.05 14.58 0.99
N PRO D 50 -4.21 14.51 1.67
CA PRO D 50 -5.09 13.37 1.47
C PRO D 50 -5.77 13.34 0.12
N ASP D 51 -5.90 14.50 -0.54
CA ASP D 51 -6.51 14.55 -1.86
C ASP D 51 -5.69 13.86 -2.93
N LYS D 52 -4.47 13.44 -2.61
CA LYS D 52 -3.66 12.63 -3.50
C LYS D 52 -4.09 11.18 -3.52
N PHE D 53 -4.78 10.72 -2.48
CA PHE D 53 -5.22 9.34 -2.36
C PHE D 53 -6.72 9.16 -2.22
N ALA D 54 -7.44 10.21 -1.81
CA ALA D 54 -8.87 10.16 -1.55
C ALA D 54 -9.71 10.83 -2.62
N ASN D 55 -9.28 11.99 -3.12
CA ASN D 55 -9.99 12.70 -4.18
C ASN D 55 -8.99 13.12 -5.25
N PRO D 56 -8.48 12.18 -6.04
CA PRO D 56 -7.53 12.52 -7.10
C PRO D 56 -8.20 12.82 -8.43
N VAL D 57 -9.51 13.06 -8.42
CA VAL D 57 -10.24 13.19 -9.68
C VAL D 57 -9.79 14.42 -10.46
N LYS D 58 -10.11 14.40 -11.74
CA LYS D 58 -9.78 15.50 -12.64
C LYS D 58 -10.67 16.71 -12.38
N ASP D 59 -11.98 16.52 -12.51
CA ASP D 59 -12.98 17.56 -12.27
C ASP D 59 -13.58 17.34 -10.89
N ILE D 60 -13.14 18.14 -9.92
CA ILE D 60 -13.69 18.01 -8.58
C ILE D 60 -15.16 18.40 -8.55
N PHE D 61 -15.84 18.01 -7.47
CA PHE D 61 -17.25 18.29 -7.27
C PHE D 61 -17.45 18.88 -5.89
N THR D 62 -18.62 19.48 -5.69
CA THR D 62 -18.97 20.15 -4.45
C THR D 62 -19.59 19.17 -3.46
N GLU D 63 -19.39 19.46 -2.17
CA GLU D 63 -19.98 18.64 -1.11
C GLU D 63 -21.50 18.58 -1.23
N MET D 64 -22.15 19.75 -1.23
CA MET D 64 -23.61 19.79 -1.26
C MET D 64 -24.16 19.22 -2.56
N ALA D 65 -23.76 19.80 -3.69
CA ALA D 65 -24.29 19.37 -4.98
C ALA D 65 -23.86 17.94 -5.28
N ALA D 66 -24.79 17.15 -5.80
CA ALA D 66 -24.53 15.76 -6.07
C ALA D 66 -23.50 15.62 -7.20
N PRO D 67 -22.67 14.54 -7.18
CA PRO D 67 -21.60 14.45 -8.19
C PRO D 67 -22.13 14.24 -9.60
N LEU D 68 -23.02 13.27 -9.77
CA LEU D 68 -23.48 12.87 -11.09
C LEU D 68 -24.61 13.78 -11.53
N LYS D 69 -24.36 14.56 -12.58
CA LYS D 69 -25.35 15.49 -13.12
C LYS D 69 -25.19 15.58 -14.63
C15 EQ9 E . 25.97 -1.01 6.59
C16 EQ9 E . 25.67 -3.35 6.79
C17 EQ9 E . 26.67 -3.40 7.73
C18 EQ9 E . 27.33 -2.26 8.11
C13 EQ9 E . 22.99 -1.93 5.76
C7 EQ9 E . 16.58 -3.42 0.63
C6 EQ9 E . 17.34 -4.60 2.49
N2 EQ9 E . 16.63 -4.72 1.25
C10 EQ9 E . 20.00 -2.73 3.63
C9 EQ9 E . 18.49 -2.73 3.83
C8 EQ9 E . 17.31 -2.46 1.56
C2 EQ9 E . 16.04 -8.30 0.62
C1 EQ9 E . 14.50 -7.09 -0.63
N1 EQ9 E . 15.00 -8.27 -0.24
C5 EQ9 E . 15.02 -5.91 -0.15
C4 EQ9 E . 16.05 -5.94 0.72
C3 EQ9 E . 16.56 -7.12 1.10
C22 EQ9 E . 31.81 -1.88 10.42
C11 EQ9 E . 20.64 -2.15 4.90
C12 EQ9 E . 22.05 -1.69 4.58
C14 EQ9 E . 25.31 -2.15 6.23
C19 EQ9 E . 26.99 -1.07 7.53
C20 EQ9 E . 28.45 -2.31 9.14
C21 EQ9 E . 30.48 -2.37 9.92
N3 EQ9 E . 17.77 -3.24 2.68
N4 EQ9 E . 13.40 -7.11 -1.56
N5 EQ9 E . 28.44 -3.03 10.24
N6 EQ9 E . 29.67 -1.74 9.06
O1 EQ9 E . 24.29 -2.09 5.27
O2 EQ9 E . 29.74 -3.34 10.56
O3 EQ9 E . 17.55 -5.48 3.24
H20 EQ9 E . 25.74 -0.20 6.21
H21 EQ9 E . 25.22 -4.12 6.55
H22 EQ9 E . 26.91 -4.21 8.12
H19 EQ9 E . 22.97 -1.17 6.36
H18 EQ9 E . 22.72 -2.73 6.24
H4 EQ9 E . 17.11 -3.47 -0.18
H5 EQ9 E . 15.65 -3.14 0.63
H12 EQ9 E . 20.32 -3.63 3.49
H13 EQ9 E . 20.23 -2.17 2.87
H10 EQ9 E . 18.20 -1.82 4.00
H11 EQ9 E . 18.29 -3.27 4.60
H7 EQ9 E . 18.11 -2.18 1.09
H6 EQ9 E . 16.64 -1.86 1.91
H1 EQ9 E . 16.39 -9.12 0.89
H3 EQ9 E . 14.66 -5.10 -0.42
H2 EQ9 E . 17.27 -7.15 1.69
H25 EQ9 E . 31.93 -0.96 10.15
H24 EQ9 E . 32.51 -2.43 10.04
H26 EQ9 E . 31.83 -1.95 11.39
H14 EQ9 E . 20.11 -1.40 5.21
H15 EQ9 E . 20.67 -2.83 5.58
H16 EQ9 E . 22.37 -2.17 3.81
H17 EQ9 E . 22.04 -0.74 4.38
H23 EQ9 E . 27.42 -0.29 7.77
H9 EQ9 E . 13.20 -6.40 -2.00
H8 EQ9 E . 12.94 -7.82 -1.67
#